data_5ZDP
#
_entry.id   5ZDP
#
_cell.length_a   259.501
_cell.length_b   63.109
_cell.length_c   138.273
_cell.angle_alpha   90.00
_cell.angle_beta   122.21
_cell.angle_gamma   90.00
#
_symmetry.space_group_name_H-M   'C 1 2 1'
#
loop_
_entity.id
_entity.type
_entity.pdbx_description
1 polymer 'Alternative oxidase, mitochondrial'
2 non-polymer 'FE (III) ION'
3 non-polymer 'HYDROXIDE ION'
4 non-polymer 'OXYGEN MOLECULE'
5 non-polymer 4-oxidanyl-3-[(2~{E},6~{E})-3,7,11-trimethyldodeca-2,6,10-trienyl]chromen-2-one
6 water water
#
_entity_poly.entity_id   1
_entity_poly.type   'polypeptide(L)'
_entity_poly.pdbx_seq_one_letter_code
;MFRNHASRITAAAAPWVLRTACRQKSDAKTPVWGHTQLNRLSFLETVPVVPLRVSDESSEDRPTWSLPDIENVAITHKKP
NGLVDTLAYRSVRTCRWLFDTFSLYRFGSITESKVISRCLFLETVAGVPGMVGGMLRHLSSLRYMTRDKGWINTLLVEAE
NERMHLMTFIELRQPGLPLRVSIIITQAIMYLFLLVAYVISPRFVHRFVGYLEEEAVITYTGVMRAIDEGRLRPTKNDVP
EVARVYWNLSKNATFRDLINVIRADEAEHRVVNHTFADMHEKRLQNSVNPFVVLKKNPEEMYSNQPSGKTRTDFGSEGAK
TASNVNKHV
;
_entity_poly.pdbx_strand_id   A,B,C,D
#
# COMPACT_ATOMS: atom_id res chain seq x y z
N VAL A 32 15.03 -8.42 14.49
CA VAL A 32 15.60 -9.78 14.24
C VAL A 32 15.24 -10.29 12.82
N TRP A 33 15.46 -9.41 11.85
CA TRP A 33 15.29 -9.72 10.45
C TRP A 33 16.60 -9.35 9.76
N GLY A 34 17.44 -10.35 9.50
CA GLY A 34 18.78 -10.11 8.94
C GLY A 34 19.19 -11.22 8.01
N HIS A 35 20.47 -11.27 7.67
CA HIS A 35 20.93 -12.20 6.64
C HIS A 35 20.63 -13.67 6.94
N THR A 36 20.56 -14.04 8.21
CA THR A 36 20.27 -15.45 8.54
C THR A 36 18.82 -15.78 8.11
N GLN A 37 17.90 -14.82 8.29
CA GLN A 37 16.49 -14.99 7.90
C GLN A 37 16.31 -14.86 6.40
N LEU A 38 17.15 -14.02 5.78
CA LEU A 38 17.08 -13.75 4.33
C LEU A 38 17.56 -14.96 3.53
N ASN A 39 18.32 -15.83 4.20
CA ASN A 39 18.88 -17.02 3.57
C ASN A 39 18.06 -18.28 3.87
N ARG A 40 16.97 -18.13 4.62
CA ARG A 40 16.09 -19.26 4.76
C ARG A 40 15.30 -19.46 3.46
N LEU A 41 15.00 -20.71 3.12
CA LEU A 41 14.20 -21.00 1.94
C LEU A 41 12.77 -20.52 2.18
N SER A 42 12.23 -20.88 3.33
CA SER A 42 10.83 -20.68 3.61
C SER A 42 10.56 -20.65 5.11
N PHE A 43 9.58 -19.85 5.53
CA PHE A 43 9.11 -19.85 6.90
C PHE A 43 7.71 -20.45 7.00
N LEU A 44 7.33 -21.30 6.06
CA LEU A 44 6.08 -22.09 6.12
C LEU A 44 5.86 -22.63 7.53
N GLU A 45 6.90 -23.30 8.02
CA GLU A 45 6.81 -24.10 9.22
C GLU A 45 6.45 -23.26 10.45
N THR A 46 6.51 -21.93 10.33
CA THR A 46 6.17 -21.03 11.45
C THR A 46 4.72 -20.51 11.45
N VAL A 47 3.91 -20.97 10.51
CA VAL A 47 2.56 -20.40 10.38
C VAL A 47 1.65 -20.86 11.53
N PRO A 48 1.64 -22.17 11.85
CA PRO A 48 0.78 -22.60 12.96
C PRO A 48 1.30 -22.22 14.36
N VAL A 49 2.11 -21.17 14.48
CA VAL A 49 2.41 -20.59 15.79
C VAL A 49 2.42 -19.06 15.78
N VAL A 50 1.83 -18.41 14.77
CA VAL A 50 1.79 -16.96 14.83
C VAL A 50 0.40 -16.51 15.21
N PRO A 51 0.32 -15.58 16.17
CA PRO A 51 -1.01 -15.16 16.56
C PRO A 51 -1.72 -14.55 15.39
N LEU A 52 -3.04 -14.75 15.34
CA LEU A 52 -3.92 -13.94 14.55
C LEU A 52 -4.05 -12.69 15.41
N ARG A 53 -3.91 -11.52 14.80
CA ARG A 53 -4.02 -10.26 15.52
C ARG A 53 -4.70 -9.21 14.65
N VAL A 54 -5.68 -8.59 15.25
CA VAL A 54 -6.56 -7.71 14.59
C VAL A 54 -5.80 -6.46 14.02
N SER A 55 -4.70 -6.08 14.67
CA SER A 55 -3.90 -4.92 14.27
C SER A 55 -2.97 -5.16 13.08
N ASP A 56 -2.82 -6.42 12.68
CA ASP A 56 -2.12 -6.77 11.44
C ASP A 56 -2.97 -6.64 10.15
N GLU A 57 -4.28 -6.58 10.28
CA GLU A 57 -5.20 -6.75 9.13
C GLU A 57 -5.03 -5.61 8.12
N SER A 58 -4.42 -4.52 8.61
CA SER A 58 -4.05 -3.33 7.82
C SER A 58 -2.59 -2.93 8.04
N SER A 59 -2.12 -1.99 7.25
CA SER A 59 -0.83 -1.34 7.45
C SER A 59 -0.82 -0.59 8.78
N GLU A 60 0.29 0.10 9.07
CA GLU A 60 0.38 0.90 10.28
C GLU A 60 -0.10 2.33 10.08
N ASP A 61 -0.70 2.61 8.92
CA ASP A 61 -1.02 3.97 8.52
C ASP A 61 -2.47 4.29 8.87
N ARG A 62 -2.73 4.45 10.17
CA ARG A 62 -4.09 4.51 10.66
C ARG A 62 -4.66 5.92 10.67
N PRO A 63 -5.97 6.03 10.40
CA PRO A 63 -6.55 7.31 10.68
C PRO A 63 -6.32 7.67 12.14
N THR A 64 -6.14 8.95 12.42
CA THR A 64 -6.07 9.43 13.79
C THR A 64 -7.02 10.63 13.96
N TRP A 65 -8.23 10.37 14.44
CA TRP A 65 -9.23 11.39 14.65
C TRP A 65 -9.49 11.60 16.14
N SER A 66 -9.95 12.81 16.46
CA SER A 66 -10.45 13.21 17.77
C SER A 66 -11.93 13.56 17.57
N LEU A 67 -12.81 12.94 18.34
CA LEU A 67 -14.25 12.97 18.08
C LEU A 67 -14.91 14.36 18.24
N PRO A 68 -14.49 15.14 19.25
CA PRO A 68 -15.06 16.51 19.31
C PRO A 68 -14.78 17.32 18.05
N ASP A 69 -13.64 17.06 17.40
CA ASP A 69 -13.24 17.81 16.21
C ASP A 69 -14.07 17.35 15.00
N ILE A 70 -13.94 16.06 14.66
CA ILE A 70 -14.61 15.48 13.50
C ILE A 70 -16.12 15.41 13.70
N GLU A 71 -16.56 15.55 14.94
CA GLU A 71 -17.97 15.86 15.21
C GLU A 71 -18.54 16.89 14.23
N ASN A 72 -17.73 17.89 13.87
CA ASN A 72 -18.21 19.00 13.00
C ASN A 72 -17.89 18.83 11.52
N VAL A 73 -17.75 17.58 11.09
CA VAL A 73 -17.68 17.27 9.68
C VAL A 73 -19.05 17.68 9.09
N ALA A 74 -19.04 18.15 7.85
CA ALA A 74 -20.28 18.60 7.22
C ALA A 74 -20.51 18.13 5.77
N ILE A 75 -21.78 18.10 5.39
CA ILE A 75 -22.20 17.81 4.03
C ILE A 75 -21.90 19.01 3.14
N THR A 76 -21.22 18.73 2.02
CA THR A 76 -20.78 19.74 1.07
C THR A 76 -20.99 19.27 -0.37
N HIS A 77 -21.10 20.21 -1.29
CA HIS A 77 -21.23 19.90 -2.70
C HIS A 77 -20.26 20.78 -3.48
N LYS A 78 -19.46 20.17 -4.34
CA LYS A 78 -18.63 20.91 -5.29
C LYS A 78 -19.37 20.99 -6.62
N LYS A 79 -19.35 22.16 -7.24
CA LYS A 79 -19.97 22.34 -8.54
C LYS A 79 -19.21 21.57 -9.65
N PRO A 80 -19.94 20.72 -10.39
CA PRO A 80 -19.29 20.14 -11.55
C PRO A 80 -18.93 21.28 -12.49
N ASN A 81 -17.69 21.28 -13.01
CA ASN A 81 -17.18 22.41 -13.80
C ASN A 81 -17.14 22.22 -15.33
N GLY A 82 -17.61 21.08 -15.83
CA GLY A 82 -17.75 20.87 -17.27
C GLY A 82 -18.23 19.46 -17.54
N LEU A 83 -18.58 19.18 -18.79
CA LEU A 83 -19.16 17.88 -19.21
C LEU A 83 -18.81 16.67 -18.34
N VAL A 84 -17.51 16.41 -18.17
CA VAL A 84 -17.04 15.22 -17.48
C VAL A 84 -17.53 15.22 -16.02
N ASP A 85 -17.35 16.33 -15.32
CA ASP A 85 -17.87 16.50 -13.95
C ASP A 85 -19.38 16.29 -13.89
N THR A 86 -20.09 16.93 -14.79
CA THR A 86 -21.55 16.81 -14.85
C THR A 86 -21.93 15.34 -15.11
N LEU A 87 -21.23 14.71 -16.05
CA LEU A 87 -21.52 13.32 -16.40
C LEU A 87 -21.16 12.39 -15.25
N ALA A 88 -20.13 12.77 -14.51
CA ALA A 88 -19.75 12.05 -13.31
C ALA A 88 -20.85 12.15 -12.25
N TYR A 89 -21.29 13.37 -11.98
CA TYR A 89 -22.32 13.62 -11.00
C TYR A 89 -23.64 12.95 -11.36
N ARG A 90 -24.11 13.14 -12.59
CA ARG A 90 -25.37 12.52 -13.02
C ARG A 90 -25.35 11.01 -12.78
N SER A 91 -24.20 10.39 -13.03
CA SER A 91 -24.03 8.98 -12.77
C SER A 91 -24.26 8.64 -11.27
N VAL A 92 -23.53 9.26 -10.35
CA VAL A 92 -23.70 8.96 -8.92
C VAL A 92 -25.17 9.20 -8.50
N ARG A 93 -25.68 10.37 -8.86
CA ARG A 93 -27.06 10.72 -8.54
C ARG A 93 -28.03 9.70 -9.12
N THR A 94 -27.73 9.15 -10.31
CA THR A 94 -28.59 8.15 -10.92
C THR A 94 -28.59 6.88 -10.10
N CYS A 95 -27.39 6.37 -9.82
CA CYS A 95 -27.18 5.19 -8.95
C CYS A 95 -27.78 5.32 -7.55
N ARG A 96 -27.76 6.51 -6.93
CA ARG A 96 -28.39 6.63 -5.61
C ARG A 96 -29.89 6.43 -5.65
N TRP A 97 -30.54 7.16 -6.53
CA TRP A 97 -31.96 7.03 -6.65
C TRP A 97 -32.30 5.57 -6.92
N LEU A 98 -31.58 4.97 -7.87
CA LEU A 98 -31.73 3.54 -8.20
C LEU A 98 -31.48 2.64 -7.00
N PHE A 99 -30.42 2.91 -6.27
CA PHE A 99 -30.00 2.05 -5.17
C PHE A 99 -30.91 2.22 -3.95
N ASP A 100 -31.33 3.45 -3.67
CA ASP A 100 -32.26 3.67 -2.54
C ASP A 100 -33.63 3.08 -2.80
N THR A 101 -34.00 2.87 -4.07
CA THR A 101 -35.34 2.35 -4.42
C THR A 101 -35.42 0.80 -4.50
N PHE A 102 -34.46 0.13 -5.13
CA PHE A 102 -34.46 -1.36 -5.21
C PHE A 102 -34.04 -2.04 -3.89
N SER A 103 -33.73 -1.23 -2.88
CA SER A 103 -33.36 -1.70 -1.56
C SER A 103 -34.15 -0.94 -0.51
N LEU A 104 -35.32 -0.46 -0.90
CA LEU A 104 -36.36 0.01 0.03
C LEU A 104 -35.84 0.93 1.12
N TYR A 105 -34.80 1.70 0.82
CA TYR A 105 -34.07 2.42 1.88
C TYR A 105 -34.81 3.65 2.41
N ARG A 106 -35.75 4.20 1.64
CA ARG A 106 -36.60 5.27 2.16
C ARG A 106 -37.91 4.70 2.75
N PHE A 107 -38.32 3.52 2.28
CA PHE A 107 -39.59 2.92 2.71
C PHE A 107 -39.47 2.39 4.14
N GLY A 108 -40.33 2.92 5.02
CA GLY A 108 -40.30 2.57 6.44
C GLY A 108 -39.27 3.37 7.22
N SER A 109 -39.28 3.19 8.54
CA SER A 109 -38.33 3.87 9.43
C SER A 109 -36.90 3.37 9.24
N ILE A 110 -35.94 4.18 9.67
CA ILE A 110 -34.56 3.76 9.68
C ILE A 110 -34.38 2.62 10.67
N THR A 111 -33.53 1.66 10.33
CA THR A 111 -33.16 0.61 11.27
C THR A 111 -31.66 0.28 11.20
N GLU A 112 -31.18 -0.32 12.28
CA GLU A 112 -29.85 -0.89 12.37
C GLU A 112 -29.66 -1.83 11.23
N SER A 113 -30.55 -2.80 11.09
CA SER A 113 -30.47 -3.82 10.03
C SER A 113 -30.34 -3.20 8.66
N LYS A 114 -31.17 -2.21 8.33
CA LYS A 114 -31.11 -1.66 7.00
C LYS A 114 -29.84 -0.80 6.82
N VAL A 115 -29.49 0.01 7.82
CA VAL A 115 -28.28 0.84 7.78
C VAL A 115 -27.00 0.03 7.59
N ILE A 116 -26.79 -0.98 8.43
CA ILE A 116 -25.57 -1.76 8.38
C ILE A 116 -25.51 -2.59 7.12
N SER A 117 -26.66 -3.10 6.71
CA SER A 117 -26.81 -3.81 5.44
C SER A 117 -26.44 -2.95 4.25
N ARG A 118 -26.84 -1.68 4.28
CA ARG A 118 -26.52 -0.74 3.22
C ARG A 118 -25.00 -0.58 3.11
N CYS A 119 -24.39 -0.27 4.26
CA CYS A 119 -22.97 0.08 4.35
C CYS A 119 -22.03 -1.12 4.16
N LEU A 120 -22.51 -2.30 4.53
CA LEU A 120 -21.82 -3.55 4.26
C LEU A 120 -21.70 -3.79 2.74
N PHE A 121 -22.67 -3.30 1.98
CA PHE A 121 -22.68 -3.50 0.54
C PHE A 121 -21.89 -2.38 -0.13
N LEU A 122 -22.26 -1.14 0.19
CA LEU A 122 -21.63 0.02 -0.43
C LEU A 122 -20.13 0.13 -0.18
N GLU A 123 -19.65 -0.49 0.89
CA GLU A 123 -18.21 -0.52 1.19
C GLU A 123 -17.45 -1.58 0.42
N THR A 124 -18.14 -2.57 -0.13
CA THR A 124 -17.48 -3.52 -1.00
C THR A 124 -17.05 -2.86 -2.33
N VAL A 125 -17.75 -1.79 -2.70
CA VAL A 125 -17.48 -1.06 -3.95
C VAL A 125 -16.49 0.06 -3.69
N ALA A 126 -16.55 0.61 -2.48
CA ALA A 126 -15.68 1.72 -2.09
C ALA A 126 -14.21 1.31 -2.08
N GLY A 127 -13.97 0.07 -1.70
CA GLY A 127 -12.63 -0.47 -1.71
C GLY A 127 -12.06 -0.76 -3.08
N VAL A 128 -12.88 -0.67 -4.14
CA VAL A 128 -12.38 -0.92 -5.51
C VAL A 128 -11.62 0.24 -6.20
N PRO A 129 -12.22 1.46 -6.28
CA PRO A 129 -11.57 2.54 -7.06
C PRO A 129 -10.15 2.91 -6.63
N GLY A 130 -9.86 2.95 -5.33
CA GLY A 130 -8.49 3.24 -4.89
C GLY A 130 -7.41 2.23 -5.29
N MET A 131 -7.83 0.99 -5.54
CA MET A 131 -6.88 -0.06 -5.90
C MET A 131 -6.63 -0.10 -7.41
N VAL A 132 -7.63 0.28 -8.20
CA VAL A 132 -7.40 0.44 -9.64
C VAL A 132 -6.61 1.73 -9.85
N GLY A 133 -6.97 2.80 -9.14
CA GLY A 133 -6.24 4.07 -9.22
C GLY A 133 -4.78 3.96 -8.79
N GLY A 134 -4.53 3.18 -7.73
CA GLY A 134 -3.16 3.01 -7.22
C GLY A 134 -2.31 2.14 -8.11
N MET A 135 -2.87 1.00 -8.48
CA MET A 135 -2.28 0.08 -9.46
C MET A 135 -1.81 0.77 -10.74
N LEU A 136 -2.64 1.67 -11.25
CA LEU A 136 -2.52 2.08 -12.64
C LEU A 136 -1.40 3.09 -12.72
N ARG A 137 -1.38 3.99 -11.73
CA ARG A 137 -0.30 4.97 -11.54
C ARG A 137 1.07 4.35 -11.23
N HIS A 138 1.02 3.23 -10.51
CA HIS A 138 2.16 2.36 -10.26
C HIS A 138 2.59 1.77 -11.56
N LEU A 139 1.65 1.10 -12.24
CA LEU A 139 1.90 0.55 -13.56
C LEU A 139 2.52 1.57 -14.51
N SER A 140 2.00 2.80 -14.52
CA SER A 140 2.51 3.82 -15.41
C SER A 140 3.92 4.22 -15.04
N SER A 141 4.10 4.55 -13.76
CA SER A 141 5.40 4.97 -13.23
C SER A 141 6.54 4.05 -13.65
N LEU A 142 6.29 2.75 -13.61
CA LEU A 142 7.26 1.74 -13.99
C LEU A 142 7.52 1.68 -15.48
N ARG A 143 6.49 1.83 -16.30
CA ARG A 143 6.70 1.71 -17.75
C ARG A 143 7.16 3.02 -18.44
N TYR A 144 7.07 4.16 -17.75
CA TYR A 144 7.64 5.42 -18.24
C TYR A 144 8.80 5.82 -17.34
N MET A 145 9.22 4.95 -16.44
CA MET A 145 10.30 5.27 -15.51
C MET A 145 10.17 6.64 -14.81
N THR A 146 8.94 7.13 -14.58
CA THR A 146 8.75 8.45 -13.91
C THR A 146 8.49 8.31 -12.42
N ARG A 147 8.74 9.39 -11.69
CA ARG A 147 8.27 9.56 -10.33
C ARG A 147 6.77 9.67 -10.29
N ASP A 148 6.21 9.31 -9.14
CA ASP A 148 4.78 9.42 -8.92
C ASP A 148 4.48 10.52 -7.93
N LYS A 149 5.50 10.96 -7.20
CA LYS A 149 5.36 12.06 -6.28
C LYS A 149 4.14 11.89 -5.36
N GLY A 150 4.09 10.73 -4.67
CA GLY A 150 3.16 10.52 -3.54
C GLY A 150 1.74 10.04 -3.80
N TRP A 151 1.33 9.95 -5.06
CA TRP A 151 -0.07 9.70 -5.36
C TRP A 151 -0.37 8.29 -4.86
N ILE A 152 0.20 7.30 -5.53
CA ILE A 152 -0.05 5.87 -5.26
C ILE A 152 -0.42 5.54 -3.81
N ASN A 153 0.49 5.92 -2.91
CA ASN A 153 0.35 5.60 -1.51
C ASN A 153 -0.99 6.08 -0.97
N THR A 154 -1.32 7.37 -1.16
CA THR A 154 -2.62 7.89 -0.72
C THR A 154 -3.74 6.99 -1.22
N LEU A 155 -3.61 6.53 -2.46
CA LEU A 155 -4.71 5.86 -3.15
C LEU A 155 -4.93 4.46 -2.59
N LEU A 156 -3.83 3.76 -2.33
CA LEU A 156 -3.89 2.44 -1.69
C LEU A 156 -4.47 2.55 -0.26
N VAL A 157 -3.98 3.47 0.59
CA VAL A 157 -4.42 3.43 2.00
C VAL A 157 -5.85 3.93 2.16
N GLU A 158 -6.34 4.63 1.14
CA GLU A 158 -7.75 4.93 1.03
C GLU A 158 -8.48 3.60 0.81
N ALA A 159 -8.04 2.85 -0.20
CA ALA A 159 -8.67 1.56 -0.54
C ALA A 159 -8.64 0.64 0.67
N GLU A 160 -7.52 0.57 1.37
CA GLU A 160 -7.46 -0.20 2.61
C GLU A 160 -8.44 0.37 3.63
N ASN A 161 -8.40 1.67 3.86
CA ASN A 161 -9.30 2.28 4.82
C ASN A 161 -10.71 1.84 4.47
N GLU A 162 -11.10 1.95 3.21
CA GLU A 162 -12.47 1.65 2.85
C GLU A 162 -12.78 0.18 3.18
N ARG A 163 -11.79 -0.69 3.04
CA ARG A 163 -11.97 -2.11 3.34
C ARG A 163 -11.98 -2.38 4.87
N MET A 164 -11.41 -1.49 5.68
CA MET A 164 -11.52 -1.61 7.15
C MET A 164 -12.91 -1.20 7.62
N HIS A 165 -13.57 -0.34 6.85
CA HIS A 165 -14.98 -0.06 7.04
C HIS A 165 -15.80 -1.32 6.86
N LEU A 166 -15.45 -2.13 5.85
CA LEU A 166 -16.16 -3.39 5.58
C LEU A 166 -15.83 -4.43 6.64
N MET A 167 -14.54 -4.57 6.96
CA MET A 167 -14.10 -5.56 7.98
C MET A 167 -14.87 -5.31 9.28
N THR A 168 -14.99 -4.02 9.61
CA THR A 168 -15.86 -3.56 10.65
C THR A 168 -17.29 -4.05 10.42
N PHE A 169 -17.95 -3.56 9.40
CA PHE A 169 -19.37 -3.86 9.24
C PHE A 169 -19.63 -5.37 9.20
N ILE A 170 -18.82 -6.14 8.48
CA ILE A 170 -19.11 -7.56 8.38
C ILE A 170 -19.07 -8.28 9.75
N GLU A 171 -18.56 -7.63 10.78
CA GLU A 171 -18.60 -8.18 12.13
C GLU A 171 -19.90 -7.90 12.87
N LEU A 172 -20.59 -6.82 12.49
CA LEU A 172 -21.90 -6.47 13.07
C LEU A 172 -23.08 -7.22 12.43
N ARG A 173 -22.85 -7.83 11.27
CA ARG A 173 -23.91 -8.46 10.52
C ARG A 173 -23.29 -9.35 9.47
N GLN A 174 -23.79 -10.57 9.35
CA GLN A 174 -23.35 -11.50 8.31
C GLN A 174 -24.51 -11.55 7.30
N PRO A 175 -24.19 -11.63 6.00
CA PRO A 175 -25.20 -11.56 4.94
C PRO A 175 -25.66 -12.89 4.27
N GLY A 176 -26.85 -12.85 3.65
CA GLY A 176 -27.40 -14.03 3.00
C GLY A 176 -26.72 -14.35 1.69
N LEU A 177 -27.03 -15.52 1.12
CA LEU A 177 -26.63 -15.86 -0.24
C LEU A 177 -27.06 -14.81 -1.24
N PRO A 178 -28.28 -14.26 -1.07
CA PRO A 178 -28.61 -13.19 -1.99
C PRO A 178 -27.57 -12.06 -1.98
N LEU A 179 -27.33 -11.46 -0.82
CA LEU A 179 -26.57 -10.22 -0.74
C LEU A 179 -25.10 -10.47 -1.08
N ARG A 180 -24.62 -11.69 -0.83
CA ARG A 180 -23.26 -12.08 -1.18
C ARG A 180 -23.10 -12.25 -2.68
N VAL A 181 -24.01 -13.00 -3.30
CA VAL A 181 -23.98 -13.19 -4.74
C VAL A 181 -24.04 -11.82 -5.36
N SER A 182 -24.94 -10.98 -4.87
CA SER A 182 -25.20 -9.71 -5.52
C SER A 182 -23.94 -8.81 -5.38
N ILE A 183 -23.18 -9.03 -4.32
CA ILE A 183 -21.92 -8.34 -4.09
C ILE A 183 -20.86 -8.78 -5.10
N ILE A 184 -20.73 -10.09 -5.27
CA ILE A 184 -19.84 -10.67 -6.27
C ILE A 184 -20.13 -10.12 -7.67
N ILE A 185 -21.39 -10.22 -8.11
CA ILE A 185 -21.72 -9.67 -9.44
C ILE A 185 -21.41 -8.17 -9.54
N THR A 186 -21.41 -7.43 -8.44
CA THR A 186 -21.18 -6.00 -8.50
C THR A 186 -19.74 -5.66 -8.80
N GLN A 187 -18.84 -6.29 -8.06
CA GLN A 187 -17.41 -6.12 -8.25
C GLN A 187 -17.01 -6.44 -9.67
N ALA A 188 -17.54 -7.52 -10.22
CA ALA A 188 -17.28 -7.83 -11.63
C ALA A 188 -17.61 -6.61 -12.51
N ILE A 189 -18.65 -5.88 -12.15
CA ILE A 189 -19.10 -4.72 -12.91
C ILE A 189 -18.29 -3.46 -12.57
N MET A 190 -18.21 -3.14 -11.28
CA MET A 190 -17.54 -1.91 -10.85
C MET A 190 -16.03 -1.95 -11.04
N TYR A 191 -15.45 -3.14 -10.95
CA TYR A 191 -14.02 -3.28 -11.18
C TYR A 191 -13.73 -2.93 -12.65
N LEU A 192 -14.40 -3.64 -13.57
CA LEU A 192 -14.27 -3.43 -15.01
C LEU A 192 -14.52 -1.99 -15.42
N PHE A 193 -15.62 -1.42 -14.96
CA PHE A 193 -15.95 -0.04 -15.31
C PHE A 193 -14.90 0.99 -14.86
N LEU A 194 -14.37 0.77 -13.66
CA LEU A 194 -13.42 1.68 -13.06
C LEU A 194 -12.08 1.48 -13.72
N LEU A 195 -11.84 0.25 -14.15
CA LEU A 195 -10.61 -0.09 -14.84
C LEU A 195 -10.58 0.77 -16.08
N VAL A 196 -11.61 0.65 -16.95
CA VAL A 196 -11.58 1.38 -18.25
C VAL A 196 -11.77 2.89 -18.07
N ALA A 197 -12.67 3.29 -17.18
CA ALA A 197 -12.85 4.70 -16.84
C ALA A 197 -11.55 5.38 -16.45
N TYR A 198 -10.77 4.73 -15.59
CA TYR A 198 -9.48 5.29 -15.16
C TYR A 198 -8.47 5.35 -16.33
N VAL A 199 -8.52 4.42 -17.27
CA VAL A 199 -7.62 4.48 -18.43
C VAL A 199 -8.05 5.59 -19.38
N ILE A 200 -9.34 5.70 -19.63
CA ILE A 200 -9.89 6.71 -20.52
C ILE A 200 -9.67 8.12 -19.92
N SER A 201 -10.20 8.31 -18.70
CA SER A 201 -10.17 9.59 -18.02
C SER A 201 -10.07 9.42 -16.49
N PRO A 202 -8.85 9.52 -15.95
CA PRO A 202 -8.71 9.51 -14.51
C PRO A 202 -9.57 10.56 -13.86
N ARG A 203 -9.72 11.70 -14.53
CA ARG A 203 -10.51 12.83 -14.02
C ARG A 203 -11.95 12.42 -13.78
N PHE A 204 -12.51 11.65 -14.72
CA PHE A 204 -13.86 11.15 -14.53
C PHE A 204 -13.97 10.26 -13.27
N VAL A 205 -12.94 9.48 -12.98
CA VAL A 205 -13.03 8.58 -11.82
C VAL A 205 -12.84 9.32 -10.49
N HIS A 206 -11.84 10.17 -10.40
CA HIS A 206 -11.61 10.92 -9.18
C HIS A 206 -12.77 11.87 -8.80
N ARG A 207 -13.52 12.35 -9.79
CA ARG A 207 -14.72 13.16 -9.54
C ARG A 207 -15.92 12.27 -9.21
N PHE A 208 -15.92 11.04 -9.71
CA PHE A 208 -16.98 10.08 -9.43
C PHE A 208 -16.92 9.60 -7.95
N VAL A 209 -15.72 9.37 -7.45
CA VAL A 209 -15.53 9.01 -6.03
C VAL A 209 -15.76 10.23 -5.13
N GLY A 210 -15.20 11.36 -5.50
CA GLY A 210 -15.47 12.61 -4.78
C GLY A 210 -16.97 12.82 -4.54
N TYR A 211 -17.80 12.59 -5.59
CA TYR A 211 -19.24 12.76 -5.48
C TYR A 211 -19.90 11.62 -4.70
N LEU A 212 -19.35 10.41 -4.78
CA LEU A 212 -19.88 9.30 -3.97
C LEU A 212 -19.68 9.61 -2.51
N GLU A 213 -18.54 10.22 -2.18
CA GLU A 213 -18.24 10.58 -0.80
C GLU A 213 -19.16 11.69 -0.26
N GLU A 214 -19.66 12.53 -1.16
CA GLU A 214 -20.65 13.51 -0.73
C GLU A 214 -21.87 12.76 -0.28
N GLU A 215 -22.30 11.77 -1.07
CA GLU A 215 -23.44 10.90 -0.72
C GLU A 215 -23.22 10.06 0.54
N ALA A 216 -21.97 9.71 0.81
CA ALA A 216 -21.63 8.87 1.97
C ALA A 216 -21.49 9.70 3.25
N VAL A 217 -21.12 10.98 3.13
CA VAL A 217 -21.15 11.88 4.28
C VAL A 217 -22.60 12.33 4.59
N ILE A 218 -23.49 12.25 3.59
CA ILE A 218 -24.93 12.47 3.81
C ILE A 218 -25.59 11.25 4.49
N THR A 219 -25.20 10.05 4.08
CA THR A 219 -25.77 8.85 4.69
C THR A 219 -25.33 8.75 6.13
N TYR A 220 -24.02 8.66 6.35
CA TYR A 220 -23.46 8.60 7.71
C TYR A 220 -23.85 9.79 8.60
N THR A 221 -24.20 10.95 8.02
CA THR A 221 -24.76 12.03 8.87
C THR A 221 -26.22 11.75 9.24
N GLY A 222 -26.99 11.23 8.29
CA GLY A 222 -28.34 10.77 8.60
C GLY A 222 -28.41 9.65 9.63
N VAL A 223 -27.45 8.75 9.64
CA VAL A 223 -27.40 7.72 10.68
C VAL A 223 -27.13 8.33 12.08
N MET A 224 -26.13 9.20 12.17
CA MET A 224 -25.79 9.85 13.43
C MET A 224 -26.86 10.80 13.92
N ARG A 225 -27.47 11.54 13.00
CA ARG A 225 -28.53 12.44 13.37
C ARG A 225 -29.60 11.62 14.07
N ALA A 226 -30.04 10.55 13.40
CA ALA A 226 -31.10 9.69 13.89
C ALA A 226 -30.82 9.20 15.32
N ILE A 227 -29.56 8.90 15.59
CA ILE A 227 -29.16 8.48 16.94
C ILE A 227 -29.34 9.62 17.93
N ASP A 228 -28.84 10.82 17.58
CA ASP A 228 -29.09 12.03 18.37
C ASP A 228 -30.57 12.30 18.64
N GLU A 229 -31.43 11.99 17.67
CA GLU A 229 -32.86 12.27 17.79
C GLU A 229 -33.70 11.06 18.21
N GLY A 230 -33.05 10.01 18.71
CA GLY A 230 -33.75 8.83 19.26
C GLY A 230 -34.41 7.87 18.28
N ARG A 231 -34.55 8.26 17.01
CA ARG A 231 -35.24 7.44 15.99
C ARG A 231 -34.57 6.08 15.71
N LEU A 232 -33.26 6.04 15.90
CA LEU A 232 -32.46 4.82 15.79
C LEU A 232 -31.73 4.63 17.12
N ARG A 233 -32.09 3.56 17.83
CA ARG A 233 -31.46 3.20 19.10
C ARG A 233 -30.52 2.06 18.78
N PRO A 234 -29.25 2.38 18.45
CA PRO A 234 -28.29 1.32 18.11
C PRO A 234 -28.15 0.24 19.19
N THR A 235 -28.05 -1.02 18.78
CA THR A 235 -27.71 -2.11 19.70
C THR A 235 -26.28 -2.59 19.61
N LYS A 236 -25.61 -2.33 18.49
CA LYS A 236 -24.28 -2.92 18.25
C LYS A 236 -23.15 -2.25 19.02
N ASN A 237 -23.50 -1.22 19.79
CA ASN A 237 -22.58 -0.41 20.64
C ASN A 237 -21.32 -1.07 21.22
N ASP A 238 -21.20 -2.39 21.10
CA ASP A 238 -19.91 -3.07 21.13
C ASP A 238 -19.21 -2.80 19.79
N VAL A 239 -18.27 -1.86 19.77
CA VAL A 239 -17.44 -1.65 18.60
C VAL A 239 -16.51 -2.86 18.47
N PRO A 240 -16.49 -3.52 17.30
CA PRO A 240 -15.62 -4.69 17.11
C PRO A 240 -14.15 -4.45 17.45
N GLU A 241 -13.34 -5.49 17.55
CA GLU A 241 -11.91 -5.32 17.83
C GLU A 241 -11.10 -4.75 16.64
N VAL A 242 -11.20 -5.30 15.43
CA VAL A 242 -10.65 -4.61 14.25
C VAL A 242 -10.75 -3.08 14.31
N ALA A 243 -11.91 -2.58 14.77
CA ALA A 243 -12.24 -1.17 14.66
C ALA A 243 -11.70 -0.37 15.83
N ARG A 244 -11.72 -0.94 17.03
CA ARG A 244 -11.27 -0.17 18.19
C ARG A 244 -9.76 0.10 18.13
N VAL A 245 -8.98 -0.83 17.60
CA VAL A 245 -7.55 -0.56 17.42
C VAL A 245 -7.25 0.31 16.18
N TYR A 246 -7.92 0.04 15.05
CA TYR A 246 -7.65 0.76 13.80
C TYR A 246 -7.84 2.28 13.92
N TRP A 247 -8.95 2.74 14.49
CA TRP A 247 -9.18 4.16 14.74
C TRP A 247 -8.72 4.62 16.12
N ASN A 248 -8.29 3.68 16.95
CA ASN A 248 -7.85 4.01 18.30
C ASN A 248 -8.95 4.51 19.25
N LEU A 249 -10.12 3.89 19.18
CA LEU A 249 -11.25 4.33 19.99
C LEU A 249 -11.13 3.74 21.38
N SER A 250 -11.64 4.47 22.37
CA SER A 250 -11.67 3.95 23.75
C SER A 250 -12.52 2.68 23.86
N LYS A 251 -12.36 1.98 24.98
CA LYS A 251 -13.18 0.82 25.32
C LYS A 251 -14.68 1.16 25.44
N ASN A 252 -14.98 2.41 25.81
CA ASN A 252 -16.35 2.86 26.03
C ASN A 252 -16.96 3.53 24.80
N ALA A 253 -16.35 3.30 23.63
CA ALA A 253 -16.83 3.86 22.37
C ALA A 253 -18.15 3.24 21.92
N THR A 254 -19.09 4.08 21.52
CA THR A 254 -20.40 3.65 21.02
C THR A 254 -20.46 3.57 19.48
N PHE A 255 -21.44 2.83 18.97
CA PHE A 255 -21.70 2.71 17.55
C PHE A 255 -21.74 4.08 16.91
N ARG A 256 -22.31 5.04 17.62
CA ARG A 256 -22.33 6.44 17.16
C ARG A 256 -20.91 7.00 16.94
N ASP A 257 -19.95 6.55 17.75
CA ASP A 257 -18.59 7.02 17.64
C ASP A 257 -17.94 6.40 16.40
N LEU A 258 -18.41 5.20 16.02
CA LEU A 258 -17.82 4.44 14.92
C LEU A 258 -18.25 5.04 13.59
N ILE A 259 -19.49 5.49 13.54
CA ILE A 259 -20.03 6.17 12.38
C ILE A 259 -19.29 7.50 12.23
N ASN A 260 -19.01 8.17 13.34
CA ASN A 260 -18.38 9.50 13.33
C ASN A 260 -17.01 9.50 12.69
N VAL A 261 -16.23 8.46 13.00
CA VAL A 261 -14.90 8.31 12.44
C VAL A 261 -14.99 7.78 11.02
N ILE A 262 -15.87 6.81 10.76
CA ILE A 262 -16.02 6.33 9.40
C ILE A 262 -16.36 7.51 8.47
N ARG A 263 -17.34 8.28 8.91
CA ARG A 263 -17.77 9.50 8.24
C ARG A 263 -16.59 10.40 7.83
N ALA A 264 -15.61 10.53 8.73
CA ALA A 264 -14.55 11.53 8.58
C ALA A 264 -13.47 11.06 7.61
N ASP A 265 -13.33 9.73 7.51
CA ASP A 265 -12.55 9.11 6.46
C ASP A 265 -13.15 9.36 5.07
N GLU A 266 -14.48 9.28 4.96
CA GLU A 266 -15.19 9.57 3.72
C GLU A 266 -15.04 11.03 3.29
N ALA A 267 -14.84 11.96 4.22
CA ALA A 267 -14.67 13.38 3.89
C ALA A 267 -13.28 13.63 3.39
N GLU A 268 -12.30 13.03 4.05
CA GLU A 268 -10.94 13.07 3.56
C GLU A 268 -10.91 12.55 2.10
N HIS A 269 -11.66 11.49 1.85
CA HIS A 269 -11.70 10.91 0.52
C HIS A 269 -12.32 11.91 -0.44
N ARG A 270 -13.43 12.48 0.01
CA ARG A 270 -14.13 13.53 -0.69
C ARG A 270 -13.08 14.58 -1.11
N VAL A 271 -12.42 15.24 -0.16
CA VAL A 271 -11.50 16.33 -0.52
C VAL A 271 -10.38 15.90 -1.44
N VAL A 272 -9.85 14.70 -1.16
CA VAL A 272 -8.66 14.16 -1.84
C VAL A 272 -8.92 13.81 -3.32
N ASN A 273 -9.97 13.02 -3.59
CA ASN A 273 -10.30 12.66 -4.97
C ASN A 273 -10.76 13.86 -5.79
N HIS A 274 -11.59 14.70 -5.20
CA HIS A 274 -11.93 15.95 -5.84
C HIS A 274 -10.68 16.79 -6.15
N THR A 275 -9.69 16.73 -5.27
CA THR A 275 -8.45 17.47 -5.47
C THR A 275 -7.65 16.84 -6.60
N PHE A 276 -7.62 15.52 -6.64
CA PHE A 276 -7.00 14.83 -7.77
C PHE A 276 -7.78 15.08 -9.08
N ALA A 277 -9.11 15.06 -9.00
CA ALA A 277 -9.94 15.31 -10.16
C ALA A 277 -9.55 16.67 -10.71
N ASP A 278 -9.63 17.68 -9.82
CA ASP A 278 -9.19 19.05 -10.11
C ASP A 278 -7.80 19.17 -10.75
N MET A 279 -6.88 18.32 -10.29
CA MET A 279 -5.50 18.41 -10.70
C MET A 279 -5.40 17.89 -12.10
N HIS A 280 -6.16 16.85 -12.39
CA HIS A 280 -6.26 16.39 -13.75
C HIS A 280 -6.75 17.54 -14.65
N GLU A 281 -7.98 17.98 -14.47
CA GLU A 281 -8.52 19.17 -15.12
C GLU A 281 -7.44 20.25 -15.48
N LYS A 282 -6.54 20.56 -14.54
CA LYS A 282 -5.49 21.60 -14.70
C LYS A 282 -4.10 21.05 -15.11
N ARG A 283 -4.06 19.88 -15.75
CA ARG A 283 -2.82 19.34 -16.29
C ARG A 283 -1.77 19.05 -15.20
N LEU A 284 -2.24 18.81 -13.98
CA LEU A 284 -1.37 18.61 -12.81
C LEU A 284 -1.22 17.16 -12.32
N GLN A 285 -1.53 16.14 -13.14
CA GLN A 285 -1.43 14.70 -12.69
C GLN A 285 -0.02 14.24 -12.38
N ASN A 286 0.99 15.06 -12.71
CA ASN A 286 2.37 14.70 -12.53
C ASN A 286 3.10 15.72 -11.66
N SER A 287 2.31 16.54 -10.97
CA SER A 287 2.84 17.39 -9.93
C SER A 287 2.71 16.56 -8.69
N VAL A 288 3.23 17.07 -7.57
CA VAL A 288 3.25 16.26 -6.36
C VAL A 288 1.87 16.22 -5.70
N ASN A 289 1.53 15.04 -5.20
CA ASN A 289 0.34 14.85 -4.38
C ASN A 289 0.34 15.80 -3.19
N PRO A 290 -0.53 16.82 -3.18
CA PRO A 290 -0.45 17.81 -2.12
C PRO A 290 -0.63 17.26 -0.73
N PHE A 291 -1.29 16.11 -0.60
CA PHE A 291 -1.59 15.54 0.72
C PHE A 291 -0.41 14.84 1.44
N VAL A 292 0.65 14.50 0.72
CA VAL A 292 1.82 13.86 1.34
C VAL A 292 2.62 14.77 2.28
N VAL A 293 2.52 16.08 2.09
CA VAL A 293 3.16 17.04 2.96
C VAL A 293 2.12 17.42 3.98
N LEU A 294 1.04 18.02 3.47
CA LEU A 294 -0.18 18.34 4.24
C LEU A 294 -0.58 17.27 5.27
N LYS A 295 0.14 16.14 5.32
CA LYS A 295 -0.05 15.16 6.37
C LYS A 295 0.33 15.76 7.73
N VAL B 32 -1.76 19.88 11.20
CA VAL B 32 -3.18 19.83 11.64
C VAL B 32 -4.04 19.18 10.56
N TRP B 33 -4.88 18.23 10.95
CA TRP B 33 -5.83 17.59 10.05
C TRP B 33 -7.14 17.29 10.75
N GLY B 34 -8.10 18.20 10.59
CA GLY B 34 -9.42 18.09 11.21
C GLY B 34 -10.56 18.52 10.29
N HIS B 35 -11.69 18.89 10.88
CA HIS B 35 -12.91 19.09 10.10
C HIS B 35 -12.82 20.26 9.13
N THR B 36 -12.25 21.37 9.55
CA THR B 36 -12.16 22.54 8.66
C THR B 36 -11.40 22.23 7.36
N GLN B 37 -10.49 21.25 7.40
CA GLN B 37 -9.78 20.79 6.20
C GLN B 37 -10.67 19.82 5.44
N LEU B 38 -11.18 18.83 6.14
CA LEU B 38 -12.12 17.88 5.57
C LEU B 38 -13.41 18.57 5.02
N ASN B 39 -13.75 19.73 5.58
CA ASN B 39 -14.86 20.56 5.10
C ASN B 39 -14.46 21.55 3.99
N ARG B 40 -13.20 21.49 3.53
CA ARG B 40 -12.82 22.33 2.41
C ARG B 40 -13.11 21.53 1.14
N LEU B 41 -13.37 22.21 0.03
CA LEU B 41 -13.80 21.55 -1.22
C LEU B 41 -12.63 21.04 -2.07
N SER B 42 -11.51 21.74 -2.06
CA SER B 42 -10.34 21.33 -2.80
C SER B 42 -9.08 22.00 -2.29
N PHE B 43 -7.95 21.32 -2.43
CA PHE B 43 -6.64 21.86 -2.04
C PHE B 43 -5.76 22.08 -3.27
N LEU B 44 -6.42 22.41 -4.39
CA LEU B 44 -5.75 22.74 -5.64
C LEU B 44 -4.86 24.00 -5.50
N GLU B 45 -5.32 24.96 -4.70
CA GLU B 45 -4.58 26.21 -4.54
C GLU B 45 -3.23 26.00 -3.86
N THR B 46 -3.07 24.86 -3.18
CA THR B 46 -1.87 24.60 -2.39
C THR B 46 -0.77 23.93 -3.22
N VAL B 47 -1.17 23.10 -4.19
CA VAL B 47 -0.17 22.34 -4.96
C VAL B 47 1.08 23.13 -5.38
N PRO B 48 0.95 24.40 -5.81
CA PRO B 48 2.13 25.19 -6.16
C PRO B 48 3.15 25.41 -5.04
N VAL B 49 2.73 25.39 -3.77
CA VAL B 49 3.64 25.67 -2.64
C VAL B 49 4.15 24.42 -1.93
N VAL B 50 3.60 23.26 -2.26
CA VAL B 50 4.05 22.04 -1.60
C VAL B 50 5.31 21.53 -2.32
N PRO B 51 6.43 21.42 -1.59
CA PRO B 51 7.72 21.10 -2.19
C PRO B 51 7.86 19.66 -2.65
N LEU B 52 8.88 19.43 -3.46
CA LEU B 52 9.16 18.15 -4.11
C LEU B 52 10.30 17.51 -3.32
N ARG B 53 9.93 17.08 -2.12
CA ARG B 53 10.78 16.24 -1.28
C ARG B 53 10.85 14.86 -1.89
N VAL B 54 11.98 14.20 -1.68
CA VAL B 54 12.23 12.90 -2.31
C VAL B 54 11.75 11.74 -1.40
N SER B 55 11.54 12.03 -0.11
CA SER B 55 10.99 11.04 0.84
C SER B 55 9.53 10.68 0.54
N ASP B 56 8.79 11.62 -0.02
CA ASP B 56 7.39 11.39 -0.34
C ASP B 56 7.20 10.56 -1.62
N GLU B 57 8.27 10.00 -2.17
CA GLU B 57 8.17 9.26 -3.39
C GLU B 57 7.63 7.88 -3.07
N SER B 58 8.03 7.38 -1.89
CA SER B 58 7.46 6.16 -1.29
C SER B 58 6.73 6.40 0.02
N SER B 59 5.94 5.40 0.39
CA SER B 59 5.41 5.27 1.75
C SER B 59 6.54 5.32 2.77
N GLU B 60 6.13 5.44 4.04
CA GLU B 60 7.03 5.56 5.19
C GLU B 60 7.49 4.18 5.70
N ASP B 61 7.04 3.12 5.04
CA ASP B 61 7.45 1.75 5.37
C ASP B 61 8.75 1.36 4.67
N ARG B 62 9.86 1.94 5.12
CA ARG B 62 11.16 1.76 4.48
C ARG B 62 11.91 0.55 4.99
N PRO B 63 12.73 -0.06 4.11
CA PRO B 63 13.60 -1.13 4.57
C PRO B 63 14.75 -0.52 5.39
N THR B 64 15.31 -1.33 6.28
CA THR B 64 16.25 -0.86 7.31
C THR B 64 17.36 -1.90 7.50
N TRP B 65 18.25 -2.01 6.53
CA TRP B 65 19.32 -3.00 6.58
C TRP B 65 20.56 -2.45 7.23
N SER B 66 21.44 -3.39 7.57
CA SER B 66 22.70 -3.15 8.22
C SER B 66 23.77 -3.75 7.30
N LEU B 67 24.48 -2.90 6.57
CA LEU B 67 25.46 -3.35 5.59
C LEU B 67 26.37 -4.48 6.12
N PRO B 68 26.91 -4.34 7.35
CA PRO B 68 27.76 -5.43 7.84
C PRO B 68 27.07 -6.79 7.80
N ASP B 69 25.82 -6.84 8.25
CA ASP B 69 24.99 -8.05 8.20
C ASP B 69 24.63 -8.52 6.78
N ILE B 70 23.89 -7.70 6.02
CA ILE B 70 23.46 -8.10 4.66
C ILE B 70 24.63 -8.37 3.70
N GLU B 71 25.83 -7.89 4.01
CA GLU B 71 27.02 -8.36 3.30
C GLU B 71 27.06 -9.90 3.15
N ASN B 72 26.58 -10.66 4.14
CA ASN B 72 26.57 -12.15 4.07
C ASN B 72 25.33 -12.81 3.45
N VAL B 73 24.40 -12.01 2.94
CA VAL B 73 23.29 -12.58 2.16
C VAL B 73 23.89 -13.46 1.06
N ALA B 74 23.30 -14.63 0.83
CA ALA B 74 23.87 -15.61 -0.10
C ALA B 74 22.85 -16.12 -1.11
N ILE B 75 23.26 -17.12 -1.87
CA ILE B 75 22.46 -17.70 -2.94
C ILE B 75 21.86 -19.05 -2.53
N THR B 76 20.54 -19.08 -2.36
CA THR B 76 19.79 -20.31 -2.06
C THR B 76 19.02 -20.82 -3.28
N HIS B 77 18.45 -22.01 -3.16
CA HIS B 77 17.62 -22.60 -4.24
C HIS B 77 16.52 -23.54 -3.74
N LYS B 78 15.28 -23.05 -3.70
CA LYS B 78 14.18 -23.89 -3.25
C LYS B 78 13.88 -24.96 -4.24
N LYS B 79 13.71 -26.18 -3.73
CA LYS B 79 13.54 -27.36 -4.54
C LYS B 79 12.10 -27.41 -5.05
N PRO B 80 11.93 -27.64 -6.37
CA PRO B 80 10.57 -27.79 -6.87
C PRO B 80 9.87 -28.98 -6.22
N ASN B 81 8.59 -28.86 -5.89
CA ASN B 81 7.82 -30.03 -5.45
C ASN B 81 7.28 -30.82 -6.63
N GLY B 82 6.23 -30.32 -7.27
CA GLY B 82 5.63 -31.05 -8.39
C GLY B 82 5.65 -30.31 -9.72
N LEU B 83 4.55 -30.44 -10.45
CA LEU B 83 4.46 -29.86 -11.77
C LEU B 83 4.52 -28.33 -11.67
N VAL B 84 3.62 -27.75 -10.88
CA VAL B 84 3.48 -26.30 -10.79
C VAL B 84 4.80 -25.63 -10.42
N ASP B 85 5.57 -26.23 -9.51
CA ASP B 85 6.87 -25.66 -9.10
C ASP B 85 7.91 -25.77 -10.21
N THR B 86 7.97 -26.95 -10.83
CA THR B 86 8.83 -27.14 -11.99
C THR B 86 8.49 -26.08 -13.06
N LEU B 87 7.22 -26.04 -13.48
CA LEU B 87 6.79 -25.07 -14.46
C LEU B 87 7.38 -23.69 -14.14
N ALA B 88 7.19 -23.27 -12.90
CA ALA B 88 7.72 -22.01 -12.44
C ALA B 88 9.17 -21.96 -12.80
N TYR B 89 9.90 -23.00 -12.40
CA TYR B 89 11.34 -23.03 -12.50
C TYR B 89 11.86 -23.05 -13.92
N ARG B 90 11.28 -23.89 -14.78
CA ARG B 90 11.64 -23.91 -16.19
C ARG B 90 11.27 -22.61 -16.91
N SER B 91 10.21 -21.95 -16.46
CA SER B 91 9.86 -20.61 -16.98
C SER B 91 10.97 -19.59 -16.66
N VAL B 92 11.43 -19.56 -15.42
CA VAL B 92 12.45 -18.62 -14.97
C VAL B 92 13.82 -18.90 -15.58
N ARG B 93 14.09 -20.14 -15.95
CA ARG B 93 15.42 -20.46 -16.47
C ARG B 93 15.53 -20.21 -17.98
N THR B 94 14.46 -20.54 -18.68
CA THR B 94 14.36 -20.28 -20.08
C THR B 94 14.31 -18.77 -20.28
N CYS B 95 13.49 -18.07 -19.50
CA CYS B 95 13.47 -16.60 -19.57
C CYS B 95 14.85 -16.00 -19.26
N ARG B 96 15.62 -16.62 -18.36
CA ARG B 96 16.96 -16.12 -18.09
C ARG B 96 17.85 -16.31 -19.29
N TRP B 97 17.86 -17.53 -19.81
CA TRP B 97 18.72 -17.87 -20.93
C TRP B 97 18.43 -16.99 -22.15
N LEU B 98 17.15 -16.83 -22.47
CA LEU B 98 16.70 -15.91 -23.51
C LEU B 98 17.26 -14.51 -23.30
N PHE B 99 16.94 -13.92 -22.16
CA PHE B 99 17.23 -12.52 -21.91
C PHE B 99 18.72 -12.32 -21.88
N ASP B 100 19.43 -13.23 -21.24
CA ASP B 100 20.90 -13.12 -21.14
C ASP B 100 21.60 -13.19 -22.52
N THR B 101 20.99 -13.82 -23.53
CA THR B 101 21.59 -13.83 -24.89
C THR B 101 21.08 -12.68 -25.78
N PHE B 102 19.77 -12.39 -25.73
CA PHE B 102 19.22 -11.27 -26.53
C PHE B 102 19.87 -9.95 -26.10
N SER B 103 19.69 -9.54 -24.84
CA SER B 103 20.61 -8.58 -24.23
C SER B 103 21.96 -9.31 -24.21
N LEU B 104 23.05 -8.63 -24.52
CA LEU B 104 24.31 -9.33 -24.70
C LEU B 104 25.12 -9.38 -23.41
N TYR B 105 24.45 -9.64 -22.29
CA TYR B 105 25.07 -9.49 -20.98
C TYR B 105 26.37 -10.28 -20.94
N ARG B 106 26.27 -11.58 -21.24
CA ARG B 106 27.41 -12.51 -21.22
C ARG B 106 28.45 -12.34 -22.35
N PHE B 107 28.25 -11.41 -23.28
CA PHE B 107 29.18 -11.20 -24.40
C PHE B 107 30.19 -10.12 -24.03
N GLY B 108 31.43 -10.54 -23.73
CA GLY B 108 32.51 -9.62 -23.41
C GLY B 108 32.69 -9.38 -21.93
N SER B 109 33.41 -8.32 -21.60
CA SER B 109 33.68 -7.95 -20.20
C SER B 109 32.50 -7.19 -19.62
N ILE B 110 32.18 -7.49 -18.37
CA ILE B 110 31.13 -6.76 -17.67
C ILE B 110 31.52 -5.28 -17.65
N THR B 111 30.52 -4.42 -17.80
CA THR B 111 30.70 -2.99 -17.65
C THR B 111 29.65 -2.47 -16.69
N GLU B 112 29.88 -1.31 -16.11
CA GLU B 112 28.89 -0.70 -15.25
C GLU B 112 27.59 -0.43 -16.03
N SER B 113 27.69 -0.15 -17.33
CA SER B 113 26.54 0.25 -18.12
C SER B 113 25.60 -0.90 -18.35
N LYS B 114 26.12 -2.02 -18.83
CA LYS B 114 25.22 -3.15 -19.12
C LYS B 114 24.60 -3.76 -17.84
N VAL B 115 25.18 -3.43 -16.68
CA VAL B 115 24.62 -3.74 -15.39
C VAL B 115 23.42 -2.84 -15.09
N ILE B 116 23.60 -1.53 -15.10
CA ILE B 116 22.47 -0.63 -14.87
C ILE B 116 21.36 -0.88 -15.89
N SER B 117 21.77 -1.09 -17.14
CA SER B 117 20.83 -1.17 -18.26
C SER B 117 19.91 -2.34 -18.01
N ARG B 118 20.49 -3.44 -17.55
CA ARG B 118 19.77 -4.68 -17.33
C ARG B 118 18.79 -4.60 -16.18
N CYS B 119 19.20 -3.93 -15.10
CA CYS B 119 18.38 -3.78 -13.91
C CYS B 119 17.24 -2.83 -14.24
N LEU B 120 17.56 -1.75 -14.94
CA LEU B 120 16.52 -0.84 -15.41
C LEU B 120 15.38 -1.66 -16.01
N PHE B 121 15.70 -2.39 -17.08
CA PHE B 121 14.70 -3.19 -17.74
C PHE B 121 13.96 -4.08 -16.73
N LEU B 122 14.70 -5.01 -16.13
CA LEU B 122 14.12 -6.03 -15.27
C LEU B 122 13.39 -5.50 -14.04
N GLU B 123 13.76 -4.32 -13.54
CA GLU B 123 13.10 -3.74 -12.39
C GLU B 123 11.68 -3.23 -12.73
N THR B 124 11.43 -2.90 -13.99
CA THR B 124 10.08 -2.58 -14.43
C THR B 124 9.16 -3.81 -14.23
N VAL B 125 9.62 -4.97 -14.70
CA VAL B 125 8.87 -6.22 -14.55
C VAL B 125 8.62 -6.51 -13.06
N ALA B 126 9.73 -6.60 -12.33
CA ALA B 126 9.77 -6.72 -10.86
C ALA B 126 8.64 -6.06 -10.07
N GLY B 127 8.26 -4.86 -10.47
CA GLY B 127 7.17 -4.14 -9.79
C GLY B 127 5.77 -4.68 -10.01
N VAL B 128 5.55 -5.50 -11.02
CA VAL B 128 4.18 -5.92 -11.33
C VAL B 128 3.56 -6.90 -10.31
N PRO B 129 4.22 -8.07 -10.09
CA PRO B 129 3.62 -9.23 -9.39
C PRO B 129 3.01 -8.94 -8.05
N GLY B 130 3.64 -8.05 -7.30
CA GLY B 130 3.23 -7.80 -5.93
C GLY B 130 1.96 -7.00 -5.90
N MET B 131 1.87 -6.05 -6.81
CA MET B 131 0.72 -5.20 -6.98
C MET B 131 -0.47 -5.99 -7.52
N VAL B 132 -0.24 -7.00 -8.37
CA VAL B 132 -1.39 -7.77 -8.87
C VAL B 132 -1.87 -8.77 -7.81
N GLY B 133 -0.97 -9.41 -7.09
CA GLY B 133 -1.40 -10.23 -5.96
C GLY B 133 -2.19 -9.35 -5.01
N GLY B 134 -1.50 -8.45 -4.33
CA GLY B 134 -2.16 -7.40 -3.55
C GLY B 134 -3.54 -6.98 -4.08
N MET B 135 -3.62 -6.58 -5.34
CA MET B 135 -4.91 -6.17 -5.87
C MET B 135 -5.93 -7.32 -5.82
N LEU B 136 -5.54 -8.51 -6.31
CA LEU B 136 -6.48 -9.64 -6.41
C LEU B 136 -6.94 -10.09 -5.02
N ARG B 137 -6.04 -10.07 -4.03
CA ARG B 137 -6.39 -10.40 -2.65
C ARG B 137 -7.24 -9.34 -1.95
N HIS B 138 -7.06 -8.09 -2.37
CA HIS B 138 -7.84 -6.96 -1.88
C HIS B 138 -9.24 -7.24 -2.38
N LEU B 139 -9.36 -7.46 -3.68
CA LEU B 139 -10.67 -7.67 -4.28
C LEU B 139 -11.37 -8.86 -3.60
N SER B 140 -10.59 -9.89 -3.30
CA SER B 140 -11.08 -11.11 -2.66
C SER B 140 -11.60 -10.91 -1.24
N SER B 141 -10.89 -10.11 -0.46
CA SER B 141 -11.36 -9.69 0.86
C SER B 141 -12.63 -8.79 0.70
N LEU B 142 -12.63 -7.91 -0.28
CA LEU B 142 -13.78 -7.07 -0.51
C LEU B 142 -15.03 -7.92 -0.79
N ARG B 143 -14.98 -8.81 -1.79
CA ARG B 143 -16.19 -9.53 -2.22
C ARG B 143 -16.60 -10.66 -1.32
N TYR B 144 -15.64 -11.46 -0.85
CA TYR B 144 -15.99 -12.57 0.06
C TYR B 144 -16.16 -12.09 1.52
N MET B 145 -15.95 -10.79 1.77
CA MET B 145 -15.97 -10.28 3.12
C MET B 145 -15.27 -11.25 4.09
N THR B 146 -13.98 -11.46 3.84
CA THR B 146 -13.15 -12.28 4.68
C THR B 146 -11.96 -11.45 5.14
N ARG B 147 -11.27 -11.93 6.16
CA ARG B 147 -10.08 -11.29 6.70
C ARG B 147 -8.85 -11.73 5.93
N ASP B 148 -7.96 -10.79 5.60
CA ASP B 148 -6.81 -11.06 4.74
C ASP B 148 -5.65 -11.60 5.56
N LYS B 149 -5.47 -10.99 6.74
CA LYS B 149 -4.50 -11.38 7.75
C LYS B 149 -3.07 -10.94 7.47
N GLY B 150 -2.91 -9.86 6.70
CA GLY B 150 -1.61 -9.23 6.49
C GLY B 150 -0.94 -9.46 5.13
N TRP B 151 -1.59 -10.20 4.24
CA TRP B 151 -1.00 -10.49 2.93
C TRP B 151 -0.93 -9.25 2.05
N ILE B 152 -2.07 -8.57 1.94
CA ILE B 152 -2.20 -7.41 1.04
C ILE B 152 -1.01 -6.45 1.09
N ASN B 153 -0.75 -5.90 2.27
CA ASN B 153 0.20 -4.79 2.43
C ASN B 153 1.66 -5.23 2.32
N THR B 154 1.93 -6.53 2.48
CA THR B 154 3.25 -7.06 2.23
C THR B 154 3.55 -7.07 0.71
N LEU B 155 2.54 -7.39 -0.10
CA LEU B 155 2.69 -7.46 -1.56
C LEU B 155 2.68 -6.05 -2.20
N LEU B 156 1.90 -5.14 -1.62
CA LEU B 156 1.90 -3.73 -2.02
C LEU B 156 3.21 -2.98 -1.65
N VAL B 157 3.82 -3.28 -0.49
CA VAL B 157 5.20 -2.79 -0.21
C VAL B 157 6.24 -3.48 -1.08
N GLU B 158 6.08 -4.79 -1.30
CA GLU B 158 6.93 -5.46 -2.26
C GLU B 158 6.88 -4.67 -3.53
N ALA B 159 5.66 -4.37 -3.96
CA ALA B 159 5.45 -3.67 -5.22
C ALA B 159 6.18 -2.34 -5.15
N GLU B 160 5.90 -1.57 -4.10
CA GLU B 160 6.51 -0.26 -3.95
C GLU B 160 8.04 -0.33 -3.95
N ASN B 161 8.57 -1.41 -3.42
CA ASN B 161 10.00 -1.53 -3.16
C ASN B 161 10.76 -1.72 -4.45
N GLU B 162 10.26 -2.64 -5.28
CA GLU B 162 10.84 -2.86 -6.59
C GLU B 162 10.73 -1.51 -7.30
N ARG B 163 9.59 -0.84 -7.16
CA ARG B 163 9.39 0.35 -7.94
C ARG B 163 10.46 1.33 -7.50
N MET B 164 10.88 1.25 -6.24
CA MET B 164 11.97 2.13 -5.79
C MET B 164 13.31 1.73 -6.39
N HIS B 165 13.53 0.44 -6.58
CA HIS B 165 14.71 0.00 -7.27
C HIS B 165 14.82 0.76 -8.58
N LEU B 166 13.76 0.67 -9.39
CA LEU B 166 13.67 1.32 -10.69
C LEU B 166 13.98 2.80 -10.57
N MET B 167 13.30 3.49 -9.66
CA MET B 167 13.51 4.94 -9.50
C MET B 167 14.96 5.27 -9.21
N THR B 168 15.69 4.31 -8.64
CA THR B 168 17.05 4.58 -8.18
C THR B 168 17.99 4.51 -9.39
N PHE B 169 17.90 3.43 -10.15
CA PHE B 169 18.61 3.31 -11.44
C PHE B 169 18.26 4.38 -12.49
N ILE B 170 17.07 4.97 -12.41
CA ILE B 170 16.69 5.96 -13.40
C ILE B 170 17.51 7.22 -13.16
N GLU B 171 18.16 7.30 -11.99
CA GLU B 171 19.12 8.37 -11.72
C GLU B 171 20.47 8.08 -12.39
N LEU B 172 20.86 6.81 -12.44
CA LEU B 172 22.17 6.42 -12.93
C LEU B 172 22.19 6.25 -14.43
N ARG B 173 21.04 6.13 -15.06
CA ARG B 173 21.00 5.94 -16.51
C ARG B 173 19.61 6.20 -17.02
N GLN B 174 19.48 7.16 -17.92
CA GLN B 174 18.21 7.52 -18.51
C GLN B 174 18.26 6.98 -19.93
N PRO B 175 17.50 5.90 -20.21
CA PRO B 175 17.71 5.12 -21.44
C PRO B 175 17.03 5.67 -22.73
N GLY B 176 17.39 5.09 -23.86
CA GLY B 176 16.88 5.57 -25.14
C GLY B 176 15.45 5.12 -25.40
N LEU B 177 14.96 5.47 -26.58
CA LEU B 177 13.65 5.06 -27.02
C LEU B 177 13.54 3.54 -27.25
N PRO B 178 14.59 2.90 -27.79
CA PRO B 178 14.47 1.43 -28.03
C PRO B 178 14.18 0.59 -26.78
N LEU B 179 14.69 1.04 -25.64
CA LEU B 179 14.49 0.39 -24.35
C LEU B 179 13.12 0.84 -23.78
N ARG B 180 12.85 2.14 -23.85
CA ARG B 180 11.53 2.68 -23.49
C ARG B 180 10.40 1.93 -24.19
N VAL B 181 10.59 1.60 -25.46
CA VAL B 181 9.61 0.78 -26.19
C VAL B 181 9.57 -0.64 -25.65
N SER B 182 10.74 -1.24 -25.51
CA SER B 182 10.79 -2.61 -25.07
C SER B 182 10.05 -2.78 -23.73
N ILE B 183 10.31 -1.85 -22.80
CA ILE B 183 9.70 -1.83 -21.48
C ILE B 183 8.18 -1.71 -21.49
N ILE B 184 7.65 -0.95 -22.45
CA ILE B 184 6.21 -0.68 -22.49
C ILE B 184 5.51 -1.90 -23.05
N ILE B 185 6.02 -2.51 -24.10
CA ILE B 185 5.31 -3.69 -24.61
C ILE B 185 5.49 -4.76 -23.54
N THR B 186 6.68 -4.84 -22.96
CA THR B 186 6.99 -5.88 -21.97
C THR B 186 6.10 -5.83 -20.75
N GLN B 187 5.57 -4.65 -20.41
CA GLN B 187 4.58 -4.57 -19.35
C GLN B 187 3.31 -5.23 -19.83
N ALA B 188 2.82 -4.80 -20.99
CA ALA B 188 1.54 -5.29 -21.52
C ALA B 188 1.48 -6.81 -21.31
N ILE B 189 2.43 -7.52 -21.91
CA ILE B 189 2.41 -8.98 -21.88
C ILE B 189 2.45 -9.45 -20.44
N MET B 190 3.46 -9.01 -19.69
CA MET B 190 3.65 -9.50 -18.34
C MET B 190 2.44 -9.24 -17.44
N TYR B 191 1.89 -8.03 -17.48
CA TYR B 191 0.68 -7.71 -16.72
C TYR B 191 -0.38 -8.76 -17.04
N LEU B 192 -0.57 -9.03 -18.33
CA LEU B 192 -1.58 -9.98 -18.80
C LEU B 192 -1.29 -11.35 -18.21
N PHE B 193 -0.04 -11.75 -18.32
CA PHE B 193 0.36 -13.11 -17.96
C PHE B 193 0.20 -13.30 -16.44
N LEU B 194 0.69 -12.32 -15.68
CA LEU B 194 0.62 -12.40 -14.23
C LEU B 194 -0.80 -12.23 -13.70
N LEU B 195 -1.64 -11.48 -14.40
CA LEU B 195 -3.03 -11.33 -13.97
C LEU B 195 -3.78 -12.63 -14.12
N VAL B 196 -3.65 -13.31 -15.28
CA VAL B 196 -4.51 -14.48 -15.49
C VAL B 196 -3.95 -15.59 -14.61
N ALA B 197 -2.64 -15.77 -14.69
CA ALA B 197 -1.94 -16.74 -13.86
C ALA B 197 -2.24 -16.59 -12.36
N TYR B 198 -2.30 -15.37 -11.83
CA TYR B 198 -2.55 -15.19 -10.39
C TYR B 198 -3.99 -15.51 -9.95
N VAL B 199 -4.96 -15.22 -10.82
CA VAL B 199 -6.33 -15.71 -10.62
C VAL B 199 -6.35 -17.26 -10.70
N ILE B 200 -5.63 -17.84 -11.66
CA ILE B 200 -5.71 -19.29 -11.96
C ILE B 200 -4.94 -20.16 -10.95
N SER B 201 -3.81 -19.63 -10.49
CA SER B 201 -2.86 -20.37 -9.68
C SER B 201 -1.94 -19.42 -8.96
N PRO B 202 -2.39 -18.85 -7.85
CA PRO B 202 -1.48 -17.92 -7.21
C PRO B 202 -0.25 -18.62 -6.64
N ARG B 203 -0.39 -19.91 -6.32
CA ARG B 203 0.78 -20.70 -5.91
C ARG B 203 1.88 -20.58 -6.96
N PHE B 204 1.53 -20.93 -8.21
CA PHE B 204 2.46 -20.83 -9.35
C PHE B 204 3.13 -19.47 -9.41
N VAL B 205 2.36 -18.40 -9.26
CA VAL B 205 2.95 -17.06 -9.39
C VAL B 205 4.00 -16.81 -8.31
N HIS B 206 3.64 -17.06 -7.05
CA HIS B 206 4.56 -16.81 -5.95
C HIS B 206 5.84 -17.64 -6.06
N ARG B 207 5.71 -18.87 -6.52
CA ARG B 207 6.89 -19.67 -6.80
C ARG B 207 7.67 -18.96 -7.89
N PHE B 208 7.06 -18.83 -9.07
CA PHE B 208 7.68 -18.12 -10.19
C PHE B 208 8.50 -16.97 -9.62
N VAL B 209 7.93 -16.20 -8.70
CA VAL B 209 8.63 -15.03 -8.18
C VAL B 209 9.89 -15.45 -7.40
N GLY B 210 9.71 -16.29 -6.39
CA GLY B 210 10.85 -16.89 -5.69
C GLY B 210 12.05 -17.10 -6.62
N TYR B 211 11.82 -17.85 -7.70
CA TYR B 211 12.92 -18.18 -8.60
C TYR B 211 13.49 -16.96 -9.30
N LEU B 212 12.63 -16.02 -9.68
CA LEU B 212 13.10 -14.77 -10.28
C LEU B 212 13.95 -14.01 -9.27
N GLU B 213 13.52 -13.99 -8.00
CA GLU B 213 14.31 -13.35 -6.96
C GLU B 213 15.62 -14.12 -6.61
N GLU B 214 15.60 -15.46 -6.73
CA GLU B 214 16.84 -16.24 -6.64
C GLU B 214 17.81 -15.71 -7.65
N GLU B 215 17.36 -15.62 -8.90
CA GLU B 215 18.20 -15.11 -10.00
C GLU B 215 18.63 -13.70 -9.65
N ALA B 216 17.69 -12.89 -9.16
CA ALA B 216 17.99 -11.51 -8.81
C ALA B 216 19.24 -11.48 -7.97
N VAL B 217 19.26 -12.30 -6.92
CA VAL B 217 20.40 -12.33 -5.99
C VAL B 217 21.67 -12.89 -6.65
N ILE B 218 21.58 -13.98 -7.42
CA ILE B 218 22.77 -14.44 -8.16
C ILE B 218 23.40 -13.25 -8.88
N THR B 219 22.65 -12.70 -9.83
CA THR B 219 23.09 -11.50 -10.56
C THR B 219 23.64 -10.41 -9.65
N TYR B 220 22.98 -10.16 -8.54
CA TYR B 220 23.39 -9.02 -7.74
C TYR B 220 24.67 -9.34 -6.93
N THR B 221 24.90 -10.60 -6.51
CA THR B 221 26.13 -10.92 -5.75
C THR B 221 27.30 -10.97 -6.72
N GLY B 222 27.09 -11.55 -7.90
CA GLY B 222 28.02 -11.41 -9.02
C GLY B 222 28.55 -9.99 -9.22
N VAL B 223 27.67 -8.99 -9.25
CA VAL B 223 28.09 -7.59 -9.42
C VAL B 223 28.93 -7.08 -8.25
N MET B 224 28.75 -7.65 -7.06
CA MET B 224 29.59 -7.31 -5.91
C MET B 224 30.95 -8.02 -6.00
N ARG B 225 30.93 -9.32 -6.29
CA ARG B 225 32.13 -10.11 -6.56
C ARG B 225 33.00 -9.33 -7.54
N ALA B 226 32.42 -8.99 -8.69
CA ALA B 226 33.08 -8.27 -9.78
C ALA B 226 33.53 -6.83 -9.44
N ILE B 227 32.93 -6.22 -8.43
CA ILE B 227 33.44 -4.95 -7.91
C ILE B 227 34.67 -5.24 -7.04
N ASP B 228 34.53 -6.15 -6.08
CA ASP B 228 35.62 -6.49 -5.16
C ASP B 228 36.90 -6.93 -5.89
N GLU B 229 36.73 -7.71 -6.96
CA GLU B 229 37.85 -8.11 -7.81
C GLU B 229 38.32 -7.02 -8.77
N GLY B 230 37.75 -5.81 -8.71
CA GLY B 230 38.13 -4.71 -9.60
C GLY B 230 37.96 -5.00 -11.10
N ARG B 231 36.99 -5.87 -11.43
CA ARG B 231 36.54 -6.08 -12.82
C ARG B 231 35.39 -5.15 -13.17
N LEU B 232 34.97 -4.33 -12.22
CA LEU B 232 33.92 -3.35 -12.43
C LEU B 232 34.29 -2.15 -11.60
N ARG B 233 34.32 -0.97 -12.21
CA ARG B 233 34.68 0.25 -11.49
C ARG B 233 33.41 1.07 -11.33
N PRO B 234 32.76 1.00 -10.15
CA PRO B 234 31.55 1.82 -9.94
C PRO B 234 31.85 3.32 -10.04
N THR B 235 31.68 3.86 -11.24
CA THR B 235 31.88 5.28 -11.47
C THR B 235 30.71 6.13 -10.95
N LYS B 236 29.59 5.50 -10.58
CA LYS B 236 28.45 6.22 -9.98
C LYS B 236 28.41 6.08 -8.46
N ASN B 237 29.37 6.72 -7.78
CA ASN B 237 29.47 6.65 -6.31
C ASN B 237 28.78 7.83 -5.60
N ASP B 238 28.17 8.71 -6.40
CA ASP B 238 27.20 9.68 -5.89
C ASP B 238 25.83 8.98 -5.89
N VAL B 239 25.62 8.15 -4.86
CA VAL B 239 24.36 7.44 -4.63
C VAL B 239 23.17 8.38 -4.55
N PRO B 240 22.16 8.20 -5.43
CA PRO B 240 21.07 9.17 -5.56
C PRO B 240 20.30 9.42 -4.29
N GLU B 241 20.06 10.69 -4.03
CA GLU B 241 19.22 11.14 -2.94
C GLU B 241 18.00 10.22 -2.65
N VAL B 242 17.17 9.93 -3.65
CA VAL B 242 16.06 8.99 -3.47
C VAL B 242 16.50 7.83 -2.59
N ALA B 243 17.49 7.08 -3.08
CA ALA B 243 17.93 5.84 -2.45
C ALA B 243 18.46 6.11 -1.05
N ARG B 244 19.10 7.24 -0.85
CA ARG B 244 19.64 7.56 0.46
C ARG B 244 18.53 7.60 1.48
N VAL B 245 17.53 8.45 1.27
CA VAL B 245 16.46 8.56 2.27
C VAL B 245 15.60 7.29 2.31
N TYR B 246 15.54 6.52 1.21
CA TYR B 246 14.76 5.28 1.18
C TYR B 246 15.43 4.21 2.00
N TRP B 247 16.71 3.93 1.70
CA TRP B 247 17.49 2.90 2.41
C TRP B 247 18.27 3.47 3.62
N ASN B 248 17.93 4.70 4.02
CA ASN B 248 18.66 5.42 5.06
C ASN B 248 20.17 5.16 5.07
N LEU B 249 20.83 5.54 3.97
CA LEU B 249 22.26 5.39 3.79
C LEU B 249 22.93 6.74 4.04
N SER B 250 24.18 6.70 4.50
CA SER B 250 24.96 7.93 4.73
C SER B 250 25.47 8.45 3.40
N LYS B 251 25.93 9.70 3.40
CA LYS B 251 26.49 10.32 2.18
C LYS B 251 27.68 9.52 1.64
N ASN B 252 28.46 8.93 2.54
CA ASN B 252 29.65 8.15 2.18
C ASN B 252 29.35 6.86 1.41
N ALA B 253 28.11 6.38 1.46
CA ALA B 253 27.77 5.10 0.82
C ALA B 253 28.10 5.11 -0.67
N THR B 254 28.51 3.95 -1.16
CA THR B 254 28.90 3.73 -2.55
C THR B 254 27.86 2.94 -3.36
N PHE B 255 28.21 2.64 -4.59
CA PHE B 255 27.42 1.82 -5.49
C PHE B 255 27.26 0.42 -4.91
N ARG B 256 28.38 -0.17 -4.51
CA ARG B 256 28.44 -1.48 -3.87
C ARG B 256 27.46 -1.55 -2.68
N ASP B 257 27.49 -0.52 -1.84
CA ASP B 257 26.61 -0.42 -0.68
C ASP B 257 25.15 -0.26 -1.12
N LEU B 258 24.94 0.44 -2.24
CA LEU B 258 23.63 0.57 -2.86
C LEU B 258 23.14 -0.79 -3.37
N ILE B 259 23.97 -1.48 -4.14
CA ILE B 259 23.63 -2.83 -4.62
C ILE B 259 23.42 -3.77 -3.45
N ASN B 260 24.13 -3.52 -2.34
CA ASN B 260 24.00 -4.34 -1.14
C ASN B 260 22.55 -4.32 -0.63
N VAL B 261 22.07 -3.12 -0.30
CA VAL B 261 20.74 -3.03 0.21
C VAL B 261 19.76 -3.53 -0.84
N ILE B 262 19.90 -3.10 -2.09
CA ILE B 262 18.98 -3.59 -3.12
C ILE B 262 18.91 -5.12 -3.12
N ARG B 263 20.02 -5.82 -2.97
CA ARG B 263 19.97 -7.30 -3.13
C ARG B 263 19.49 -7.99 -1.87
N ALA B 264 19.61 -7.30 -0.73
CA ALA B 264 18.95 -7.69 0.50
C ALA B 264 17.44 -7.72 0.25
N ASP B 265 16.92 -6.60 -0.26
CA ASP B 265 15.51 -6.49 -0.66
C ASP B 265 15.09 -7.70 -1.45
N GLU B 266 15.90 -8.11 -2.42
CA GLU B 266 15.49 -9.20 -3.33
C GLU B 266 15.53 -10.52 -2.58
N ALA B 267 16.45 -10.63 -1.65
CA ALA B 267 16.52 -11.84 -0.83
C ALA B 267 15.29 -11.96 0.05
N GLU B 268 14.67 -10.85 0.41
CA GLU B 268 13.44 -10.90 1.21
C GLU B 268 12.30 -11.41 0.34
N HIS B 269 12.11 -10.76 -0.80
CA HIS B 269 11.11 -11.16 -1.76
C HIS B 269 11.34 -12.59 -2.22
N ARG B 270 12.57 -13.05 -2.13
CA ARG B 270 12.86 -14.43 -2.44
C ARG B 270 12.16 -15.34 -1.45
N VAL B 271 12.38 -15.10 -0.15
CA VAL B 271 11.80 -15.93 0.95
C VAL B 271 10.31 -15.78 0.93
N VAL B 272 9.87 -14.54 1.19
CA VAL B 272 8.47 -14.23 1.24
C VAL B 272 7.70 -15.04 0.19
N ASN B 273 8.17 -15.00 -1.05
CA ASN B 273 7.39 -15.59 -2.13
C ASN B 273 7.42 -17.11 -2.15
N HIS B 274 8.54 -17.70 -1.76
CA HIS B 274 8.59 -19.14 -1.56
C HIS B 274 7.79 -19.57 -0.30
N THR B 275 7.63 -18.71 0.69
CA THR B 275 6.77 -19.00 1.82
C THR B 275 5.30 -18.93 1.43
N PHE B 276 4.92 -17.81 0.84
CA PHE B 276 3.56 -17.64 0.38
C PHE B 276 3.09 -18.77 -0.54
N ALA B 277 3.97 -19.29 -1.40
CA ALA B 277 3.63 -20.40 -2.29
C ALA B 277 3.53 -21.72 -1.53
N ASP B 278 4.45 -21.92 -0.58
CA ASP B 278 4.39 -23.03 0.35
C ASP B 278 3.02 -23.05 1.03
N MET B 279 2.64 -21.90 1.58
CA MET B 279 1.35 -21.78 2.28
C MET B 279 0.24 -22.19 1.34
N HIS B 280 0.27 -21.75 0.09
CA HIS B 280 -0.72 -22.19 -0.91
C HIS B 280 -0.68 -23.70 -1.14
N GLU B 281 0.51 -24.24 -1.37
CA GLU B 281 0.69 -25.69 -1.55
C GLU B 281 -0.02 -26.54 -0.51
N LYS B 282 -0.05 -26.04 0.72
CA LYS B 282 -0.67 -26.72 1.86
C LYS B 282 -2.15 -26.41 2.03
N ARG B 283 -2.68 -25.48 1.24
CA ARG B 283 -4.01 -24.91 1.44
C ARG B 283 -4.06 -23.98 2.63
N LEU B 284 -3.00 -23.21 2.85
CA LEU B 284 -3.00 -22.20 3.90
C LEU B 284 -3.17 -20.77 3.38
N GLN B 285 -3.77 -20.61 2.18
CA GLN B 285 -3.95 -19.27 1.54
C GLN B 285 -4.65 -18.25 2.43
N ASN B 286 -5.55 -18.73 3.29
CA ASN B 286 -6.34 -17.88 4.18
C ASN B 286 -5.87 -17.89 5.62
N SER B 287 -4.57 -18.10 5.78
CA SER B 287 -3.98 -18.09 7.11
C SER B 287 -3.07 -16.91 7.17
N VAL B 288 -2.58 -16.64 8.37
CA VAL B 288 -1.94 -15.41 8.72
C VAL B 288 -0.60 -15.29 8.02
N ASN B 289 -0.31 -14.11 7.51
CA ASN B 289 0.97 -13.82 6.92
C ASN B 289 2.09 -13.92 8.02
N PRO B 290 2.90 -14.99 7.99
CA PRO B 290 3.89 -15.12 9.06
C PRO B 290 4.67 -13.84 9.29
N PHE B 291 5.01 -13.18 8.20
CA PHE B 291 5.93 -12.06 8.26
C PHE B 291 5.38 -10.82 8.95
N VAL B 292 4.07 -10.77 9.23
CA VAL B 292 3.56 -9.63 10.00
C VAL B 292 4.00 -9.73 11.46
N VAL B 293 4.07 -10.96 11.98
CA VAL B 293 4.56 -11.21 13.33
C VAL B 293 5.92 -11.91 13.22
N LEU B 294 6.75 -11.45 12.29
CA LEU B 294 8.05 -12.08 11.99
C LEU B 294 8.31 -13.43 12.68
N PRO C 31 33.34 -62.54 25.23
CA PRO C 31 33.46 -61.53 24.18
C PRO C 31 33.45 -62.12 22.75
N VAL C 32 32.99 -61.31 21.80
CA VAL C 32 33.04 -61.66 20.38
C VAL C 32 34.41 -61.23 19.79
N TRP C 33 34.99 -60.19 20.38
CA TRP C 33 36.37 -59.80 20.09
C TRP C 33 37.13 -59.60 21.41
N GLY C 34 37.98 -60.59 21.74
CA GLY C 34 38.78 -60.57 22.95
C GLY C 34 39.97 -61.50 22.82
N HIS C 35 40.47 -61.99 23.97
CA HIS C 35 41.74 -62.73 24.05
C HIS C 35 41.84 -63.91 23.08
N THR C 36 40.75 -64.64 22.88
CA THR C 36 40.79 -65.83 22.01
C THR C 36 41.02 -65.47 20.55
N GLN C 37 40.61 -64.28 20.15
CA GLN C 37 40.93 -63.81 18.81
C GLN C 37 42.34 -63.24 18.82
N LEU C 38 42.62 -62.44 19.86
CA LEU C 38 43.90 -61.78 20.02
C LEU C 38 45.07 -62.77 20.04
N ASN C 39 44.90 -63.95 20.62
CA ASN C 39 46.02 -64.89 20.73
C ASN C 39 46.21 -65.77 19.51
N ARG C 40 45.33 -65.64 18.52
CA ARG C 40 45.46 -66.41 17.28
C ARG C 40 46.57 -65.81 16.41
N LEU C 41 47.27 -66.64 15.66
CA LEU C 41 48.44 -66.14 14.95
C LEU C 41 48.07 -65.38 13.66
N SER C 42 46.94 -65.77 13.05
CA SER C 42 46.55 -65.22 11.75
C SER C 42 45.15 -65.63 11.35
N PHE C 43 44.34 -64.66 10.87
CA PHE C 43 42.99 -64.93 10.35
C PHE C 43 42.95 -65.19 8.84
N LEU C 44 44.14 -65.24 8.22
CA LEU C 44 44.32 -65.61 6.81
C LEU C 44 43.39 -66.70 6.30
N GLU C 45 42.91 -67.54 7.21
CA GLU C 45 42.06 -68.66 6.87
C GLU C 45 40.57 -68.31 7.05
N THR C 46 40.27 -67.02 7.22
CA THR C 46 38.87 -66.55 7.27
C THR C 46 38.48 -65.76 6.01
N VAL C 47 39.43 -65.04 5.42
CA VAL C 47 39.15 -64.21 4.23
C VAL C 47 38.27 -64.89 3.17
N PRO C 48 38.44 -66.21 2.93
CA PRO C 48 37.55 -66.84 1.95
C PRO C 48 36.05 -66.91 2.32
N VAL C 49 35.70 -66.70 3.59
CA VAL C 49 34.30 -66.82 4.01
C VAL C 49 33.66 -65.54 4.54
N VAL C 50 34.39 -64.42 4.56
CA VAL C 50 33.81 -63.17 5.05
C VAL C 50 33.22 -62.40 3.85
N PRO C 51 32.05 -61.76 4.02
CA PRO C 51 31.33 -61.09 2.92
C PRO C 51 31.89 -59.73 2.50
N LEU C 52 31.74 -59.41 1.20
CA LEU C 52 32.02 -58.07 0.69
C LEU C 52 30.78 -57.21 0.97
N ARG C 53 30.83 -56.47 2.09
CA ARG C 53 29.71 -55.62 2.52
C ARG C 53 30.06 -54.15 2.31
N VAL C 54 29.10 -53.42 1.77
CA VAL C 54 29.35 -52.11 1.21
C VAL C 54 29.53 -51.08 2.36
N SER C 55 28.91 -51.37 3.50
CA SER C 55 29.07 -50.52 4.71
C SER C 55 30.51 -50.49 5.19
N ASP C 56 31.22 -51.60 4.99
CA ASP C 56 32.63 -51.72 5.43
C ASP C 56 33.66 -50.88 4.64
N GLU C 57 33.21 -50.14 3.62
CA GLU C 57 34.14 -49.40 2.76
C GLU C 57 34.61 -48.13 3.46
N SER C 58 33.99 -47.82 4.60
CA SER C 58 34.31 -46.62 5.35
C SER C 58 34.13 -46.90 6.83
N SER C 59 34.60 -45.98 7.66
CA SER C 59 34.38 -46.05 9.11
C SER C 59 32.90 -45.98 9.41
N GLU C 60 32.55 -45.92 10.68
CA GLU C 60 31.15 -45.75 11.06
C GLU C 60 30.83 -44.27 11.32
N ASP C 61 31.75 -43.38 10.88
CA ASP C 61 31.52 -41.94 11.03
C ASP C 61 30.98 -41.34 9.72
N ARG C 62 29.66 -41.42 9.59
CA ARG C 62 28.98 -41.14 8.34
C ARG C 62 28.21 -39.84 8.42
N PRO C 63 28.00 -39.19 7.26
CA PRO C 63 27.15 -38.01 7.33
C PRO C 63 25.74 -38.44 7.71
N THR C 64 25.05 -37.62 8.48
CA THR C 64 23.62 -37.77 8.70
C THR C 64 22.97 -36.42 8.46
N TRP C 65 22.37 -36.29 7.29
CA TRP C 65 21.76 -35.08 6.88
C TRP C 65 20.27 -35.34 6.76
N SER C 66 19.48 -34.37 7.18
CA SER C 66 18.07 -34.33 6.84
C SER C 66 17.96 -33.69 5.46
N LEU C 67 17.43 -34.44 4.49
CA LEU C 67 17.29 -33.94 3.12
C LEU C 67 16.58 -32.56 3.00
N PRO C 68 15.44 -32.34 3.70
CA PRO C 68 14.76 -31.03 3.72
C PRO C 68 15.59 -29.86 4.24
N ASP C 69 16.42 -30.11 5.25
CA ASP C 69 17.30 -29.11 5.83
C ASP C 69 18.46 -28.81 4.88
N ILE C 70 19.22 -29.83 4.48
CA ILE C 70 20.43 -29.60 3.68
C ILE C 70 20.13 -29.12 2.29
N GLU C 71 18.87 -29.23 1.89
CA GLU C 71 18.39 -28.48 0.71
C GLU C 71 18.67 -26.96 0.86
N ASN C 72 18.77 -26.44 2.08
CA ASN C 72 19.00 -25.00 2.33
C ASN C 72 20.48 -24.60 2.39
N VAL C 73 21.37 -25.42 1.83
CA VAL C 73 22.80 -25.13 1.84
C VAL C 73 23.06 -24.06 0.81
N ALA C 74 23.56 -22.91 1.24
CA ALA C 74 23.75 -21.76 0.37
C ALA C 74 25.19 -21.63 -0.15
N ILE C 75 25.32 -21.02 -1.35
CA ILE C 75 26.61 -20.67 -1.96
C ILE C 75 27.09 -19.39 -1.29
N THR C 76 28.03 -19.53 -0.38
CA THR C 76 28.53 -18.40 0.40
C THR C 76 29.94 -18.10 -0.10
N HIS C 77 30.54 -17.04 0.41
CA HIS C 77 31.90 -16.73 0.03
C HIS C 77 32.61 -15.85 1.05
N LYS C 78 33.70 -16.39 1.61
CA LYS C 78 34.53 -15.69 2.58
C LYS C 78 35.54 -14.88 1.83
N LYS C 79 35.47 -13.57 2.00
CA LYS C 79 36.36 -12.65 1.31
C LYS C 79 37.75 -12.99 1.78
N PRO C 80 38.74 -12.97 0.87
CA PRO C 80 40.13 -13.09 1.33
C PRO C 80 40.56 -11.79 2.02
N ASN C 81 41.36 -11.93 3.07
CA ASN C 81 41.79 -10.78 3.88
C ASN C 81 43.32 -10.62 4.07
N GLY C 82 44.08 -10.74 2.98
CA GLY C 82 45.52 -10.50 3.04
C GLY C 82 46.27 -11.23 1.96
N LEU C 83 47.59 -11.20 1.99
CA LEU C 83 48.38 -11.77 0.90
C LEU C 83 48.15 -13.27 0.73
N VAL C 84 48.04 -13.98 1.85
CA VAL C 84 47.93 -15.44 1.84
C VAL C 84 46.53 -15.83 1.36
N ASP C 85 45.53 -15.23 1.96
CA ASP C 85 44.15 -15.44 1.52
C ASP C 85 43.96 -15.18 0.01
N THR C 86 44.33 -13.96 -0.40
CA THR C 86 44.23 -13.52 -1.80
C THR C 86 44.91 -14.47 -2.77
N LEU C 87 46.09 -14.97 -2.41
CA LEU C 87 46.78 -15.93 -3.29
C LEU C 87 45.98 -17.21 -3.44
N ALA C 88 45.46 -17.74 -2.33
CA ALA C 88 44.73 -19.00 -2.34
C ALA C 88 43.46 -18.88 -3.19
N TYR C 89 42.69 -17.83 -2.95
CA TYR C 89 41.53 -17.52 -3.78
C TYR C 89 41.93 -17.49 -5.24
N ARG C 90 43.01 -16.76 -5.52
CA ARG C 90 43.53 -16.60 -6.87
C ARG C 90 43.88 -17.94 -7.49
N SER C 91 44.59 -18.77 -6.73
CA SER C 91 45.06 -20.04 -7.24
C SER C 91 43.88 -20.93 -7.62
N VAL C 92 42.78 -20.84 -6.87
CA VAL C 92 41.55 -21.58 -7.22
C VAL C 92 40.82 -20.97 -8.44
N ARG C 93 40.59 -19.65 -8.43
CA ARG C 93 39.88 -18.99 -9.56
C ARG C 93 40.63 -19.20 -10.86
N THR C 94 41.96 -19.14 -10.79
CA THR C 94 42.85 -19.48 -11.92
C THR C 94 42.78 -20.97 -12.28
N CYS C 95 42.86 -21.85 -11.27
CA CYS C 95 42.69 -23.29 -11.51
C CYS C 95 41.33 -23.61 -12.17
N ARG C 96 40.25 -22.98 -11.70
CA ARG C 96 38.92 -23.24 -12.28
C ARG C 96 38.81 -22.79 -13.73
N TRP C 97 39.14 -21.53 -13.96
CA TRP C 97 39.22 -20.97 -15.31
C TRP C 97 39.95 -21.91 -16.27
N LEU C 98 41.13 -22.38 -15.83
CA LEU C 98 41.99 -23.27 -16.63
C LEU C 98 41.34 -24.63 -16.86
N PHE C 99 40.81 -25.20 -15.78
CA PHE C 99 40.19 -26.53 -15.81
C PHE C 99 38.85 -26.52 -16.59
N ASP C 100 38.03 -25.48 -16.38
CA ASP C 100 36.72 -25.35 -17.06
C ASP C 100 36.79 -25.13 -18.59
N THR C 101 37.94 -24.71 -19.09
CA THR C 101 38.14 -24.50 -20.53
C THR C 101 38.81 -25.70 -21.19
N PHE C 102 39.80 -26.29 -20.52
CA PHE C 102 40.51 -27.48 -21.05
C PHE C 102 39.59 -28.70 -21.21
N SER C 103 38.73 -28.95 -20.23
CA SER C 103 37.85 -30.14 -20.25
C SER C 103 36.54 -29.95 -21.01
N LEU C 104 36.40 -28.82 -21.72
CA LEU C 104 35.21 -28.54 -22.55
C LEU C 104 33.89 -28.64 -21.78
N TYR C 105 33.93 -28.31 -20.48
CA TYR C 105 32.75 -28.38 -19.61
C TYR C 105 31.73 -27.29 -19.96
N ARG C 106 32.23 -26.11 -20.36
CA ARG C 106 31.37 -25.00 -20.76
C ARG C 106 31.07 -24.91 -22.27
N PHE C 107 31.54 -25.89 -23.05
CA PHE C 107 31.30 -25.94 -24.50
C PHE C 107 30.20 -26.95 -24.82
N GLY C 108 29.03 -26.43 -25.19
CA GLY C 108 27.82 -27.24 -25.35
C GLY C 108 27.00 -27.18 -24.09
N SER C 109 25.80 -27.78 -24.13
CA SER C 109 24.94 -27.86 -22.95
C SER C 109 25.42 -28.97 -21.99
N ILE C 110 24.87 -28.96 -20.78
CA ILE C 110 25.21 -29.98 -19.77
C ILE C 110 24.70 -31.36 -20.17
N THR C 111 25.49 -32.40 -19.89
CA THR C 111 25.12 -33.78 -20.16
C THR C 111 25.47 -34.67 -18.96
N GLU C 112 24.70 -35.73 -18.75
CA GLU C 112 24.96 -36.69 -17.68
C GLU C 112 26.45 -36.98 -17.58
N SER C 113 27.03 -37.47 -18.67
CA SER C 113 28.43 -37.88 -18.70
C SER C 113 29.41 -36.80 -18.23
N LYS C 114 29.52 -35.71 -18.98
CA LYS C 114 30.53 -34.69 -18.70
C LYS C 114 30.59 -34.31 -17.21
N VAL C 115 29.43 -34.33 -16.55
CA VAL C 115 29.34 -34.01 -15.12
C VAL C 115 29.99 -35.11 -14.27
N ILE C 116 29.57 -36.35 -14.50
CA ILE C 116 30.11 -37.49 -13.76
C ILE C 116 31.63 -37.57 -13.93
N SER C 117 32.11 -37.38 -15.16
CA SER C 117 33.53 -37.47 -15.47
C SER C 117 34.34 -36.34 -14.83
N ARG C 118 33.75 -35.15 -14.79
CA ARG C 118 34.37 -34.00 -14.10
C ARG C 118 34.51 -34.22 -12.59
N CYS C 119 33.48 -34.79 -11.98
CA CYS C 119 33.44 -34.94 -10.52
C CYS C 119 34.39 -36.04 -10.08
N LEU C 120 34.33 -37.15 -10.80
CA LEU C 120 35.25 -38.26 -10.61
C LEU C 120 36.65 -37.68 -10.47
N PHE C 121 37.13 -37.05 -11.53
CA PHE C 121 38.48 -36.51 -11.55
C PHE C 121 38.76 -35.74 -10.26
N LEU C 122 37.95 -34.73 -9.99
CA LEU C 122 38.17 -33.81 -8.87
C LEU C 122 38.09 -34.46 -7.48
N GLU C 123 37.31 -35.53 -7.34
CA GLU C 123 37.31 -36.30 -6.08
C GLU C 123 38.63 -37.07 -5.80
N THR C 124 39.50 -37.21 -6.79
CA THR C 124 40.77 -37.89 -6.58
C THR C 124 41.73 -36.95 -5.83
N VAL C 125 41.64 -35.67 -6.18
CA VAL C 125 42.46 -34.64 -5.57
C VAL C 125 41.87 -34.22 -4.24
N ALA C 126 40.55 -34.08 -4.22
CA ALA C 126 39.83 -33.75 -3.00
C ALA C 126 40.16 -34.72 -1.85
N GLY C 127 40.37 -35.99 -2.17
CA GLY C 127 40.79 -36.95 -1.14
C GLY C 127 42.20 -36.82 -0.58
N VAL C 128 43.03 -35.89 -1.10
CA VAL C 128 44.43 -35.77 -0.69
C VAL C 128 44.71 -34.85 0.50
N PRO C 129 44.24 -33.57 0.48
CA PRO C 129 44.75 -32.57 1.46
C PRO C 129 44.36 -32.72 2.93
N GLY C 130 43.42 -33.62 3.24
CA GLY C 130 43.12 -33.97 4.64
C GLY C 130 44.00 -35.15 4.99
N MET C 131 44.15 -36.06 4.05
CA MET C 131 45.10 -37.14 4.22
C MET C 131 46.54 -36.62 4.50
N VAL C 132 46.95 -35.45 3.98
CA VAL C 132 48.29 -34.95 4.33
C VAL C 132 48.30 -34.02 5.56
N GLY C 133 47.27 -33.21 5.72
CA GLY C 133 47.12 -32.40 6.92
C GLY C 133 46.97 -33.29 8.15
N GLY C 134 46.04 -34.25 8.11
CA GLY C 134 45.91 -35.24 9.17
C GLY C 134 47.24 -35.93 9.49
N MET C 135 47.89 -36.47 8.47
CA MET C 135 49.17 -37.16 8.68
C MET C 135 50.22 -36.26 9.33
N LEU C 136 50.31 -35.01 8.88
CA LEU C 136 51.31 -34.07 9.37
C LEU C 136 51.02 -33.62 10.79
N ARG C 137 49.75 -33.52 11.15
CA ARG C 137 49.36 -33.19 12.53
C ARG C 137 49.50 -34.38 13.46
N HIS C 138 49.41 -35.59 12.90
CA HIS C 138 49.69 -36.84 13.59
C HIS C 138 51.20 -36.96 13.92
N LEU C 139 52.03 -37.16 12.89
CA LEU C 139 53.50 -37.21 13.02
C LEU C 139 54.01 -36.15 13.97
N SER C 140 53.55 -34.92 13.79
CA SER C 140 53.99 -33.87 14.68
C SER C 140 53.64 -34.18 16.11
N SER C 141 52.36 -34.46 16.39
CA SER C 141 51.89 -34.75 17.77
C SER C 141 52.73 -35.83 18.43
N LEU C 142 53.10 -36.84 17.66
CA LEU C 142 53.98 -37.87 18.15
C LEU C 142 55.37 -37.32 18.50
N ARG C 143 56.01 -36.62 17.57
CA ARG C 143 57.40 -36.20 17.75
C ARG C 143 57.61 -35.12 18.80
N TYR C 144 56.57 -34.34 19.10
CA TYR C 144 56.63 -33.37 20.21
C TYR C 144 55.83 -33.86 21.40
N MET C 145 55.06 -34.91 21.20
CA MET C 145 54.24 -35.51 22.26
C MET C 145 53.28 -34.51 22.89
N THR C 146 52.67 -33.66 22.04
CA THR C 146 51.60 -32.76 22.50
C THR C 146 50.23 -33.24 22.02
N ARG C 147 49.22 -32.59 22.53
CA ARG C 147 47.86 -32.89 22.14
C ARG C 147 47.62 -32.40 20.70
N ASP C 148 46.62 -32.97 20.06
CA ASP C 148 46.16 -32.50 18.75
C ASP C 148 44.78 -31.87 18.91
N LYS C 149 44.02 -32.37 19.88
CA LYS C 149 42.78 -31.73 20.33
C LYS C 149 41.65 -31.75 19.29
N GLY C 150 41.55 -32.85 18.56
CA GLY C 150 40.44 -33.15 17.67
C GLY C 150 40.62 -32.80 16.20
N TRP C 151 41.84 -32.47 15.78
CA TRP C 151 42.05 -32.08 14.39
C TRP C 151 42.19 -33.33 13.53
N ILE C 152 43.12 -34.19 13.90
CA ILE C 152 43.50 -35.32 13.05
C ILE C 152 42.28 -36.05 12.47
N ASN C 153 41.39 -36.50 13.34
CA ASN C 153 40.22 -37.32 12.91
C ASN C 153 39.22 -36.55 12.03
N THR C 154 39.04 -35.26 12.34
CA THR C 154 38.25 -34.36 11.51
C THR C 154 38.86 -34.29 10.10
N LEU C 155 40.19 -34.33 10.00
CA LEU C 155 40.85 -34.23 8.71
C LEU C 155 40.98 -35.58 8.03
N LEU C 156 41.07 -36.66 8.80
CA LEU C 156 41.06 -38.00 8.20
C LEU C 156 39.66 -38.46 7.73
N VAL C 157 38.58 -37.93 8.32
CA VAL C 157 37.22 -38.20 7.76
C VAL C 157 36.96 -37.38 6.48
N GLU C 158 37.39 -36.11 6.46
CA GLU C 158 37.32 -35.33 5.21
C GLU C 158 37.91 -36.20 4.11
N ALA C 159 39.14 -36.66 4.32
CA ALA C 159 39.81 -37.55 3.37
C ALA C 159 38.97 -38.80 3.09
N GLU C 160 38.38 -39.40 4.12
CA GLU C 160 37.52 -40.56 3.89
C GLU C 160 36.30 -40.14 3.08
N ASN C 161 35.72 -39.01 3.44
CA ASN C 161 34.46 -38.54 2.87
C ASN C 161 34.59 -38.29 1.37
N GLU C 162 35.67 -37.60 1.00
CA GLU C 162 35.90 -37.31 -0.41
C GLU C 162 36.18 -38.64 -1.13
N ARG C 163 36.92 -39.55 -0.53
CA ARG C 163 37.16 -40.82 -1.18
C ARG C 163 35.85 -41.48 -1.52
N MET C 164 34.93 -41.47 -0.56
CA MET C 164 33.58 -42.03 -0.73
C MET C 164 32.81 -41.37 -1.90
N HIS C 165 32.91 -40.04 -2.03
CA HIS C 165 32.32 -39.40 -3.20
C HIS C 165 32.83 -40.15 -4.40
N LEU C 166 34.14 -40.35 -4.45
CA LEU C 166 34.80 -40.97 -5.60
C LEU C 166 34.42 -42.43 -5.79
N MET C 167 34.10 -43.12 -4.71
CA MET C 167 33.57 -44.50 -4.79
C MET C 167 32.13 -44.50 -5.32
N THR C 168 31.36 -43.47 -4.95
CA THR C 168 30.03 -43.36 -5.50
C THR C 168 30.12 -43.07 -6.99
N PHE C 169 30.78 -41.98 -7.34
CA PHE C 169 30.83 -41.54 -8.72
C PHE C 169 31.29 -42.59 -9.71
N ILE C 170 32.21 -43.46 -9.29
CA ILE C 170 32.72 -44.46 -10.21
C ILE C 170 31.71 -45.60 -10.46
N GLU C 171 30.73 -45.78 -9.59
CA GLU C 171 29.64 -46.74 -9.86
C GLU C 171 28.76 -46.25 -11.04
N LEU C 172 29.01 -45.03 -11.50
CA LEU C 172 28.21 -44.40 -12.53
C LEU C 172 28.92 -44.26 -13.89
N ARG C 173 30.24 -44.42 -13.92
CA ARG C 173 31.01 -44.29 -15.16
C ARG C 173 32.39 -44.91 -15.02
N GLN C 174 32.74 -45.83 -15.93
CA GLN C 174 34.07 -46.44 -15.94
C GLN C 174 34.96 -45.74 -16.96
N PRO C 175 35.91 -44.92 -16.49
CA PRO C 175 36.63 -43.99 -17.37
C PRO C 175 37.74 -44.64 -18.21
N GLY C 176 38.01 -44.05 -19.37
CA GLY C 176 39.00 -44.57 -20.31
C GLY C 176 40.42 -44.21 -19.93
N LEU C 177 41.37 -44.85 -20.61
CA LEU C 177 42.81 -44.70 -20.33
C LEU C 177 43.31 -43.25 -20.25
N PRO C 178 42.77 -42.34 -21.08
CA PRO C 178 43.19 -40.94 -20.96
C PRO C 178 42.94 -40.35 -19.58
N LEU C 179 41.76 -40.62 -19.02
CA LEU C 179 41.36 -40.06 -17.73
C LEU C 179 42.16 -40.74 -16.61
N ARG C 180 42.21 -42.05 -16.69
CA ARG C 180 42.82 -42.81 -15.67
C ARG C 180 44.24 -42.34 -15.62
N VAL C 181 44.86 -42.24 -16.78
CA VAL C 181 46.25 -41.88 -16.84
C VAL C 181 46.37 -40.50 -16.35
N SER C 182 45.40 -39.68 -16.66
CA SER C 182 45.49 -38.33 -16.24
C SER C 182 45.46 -38.23 -14.75
N ILE C 183 44.62 -39.00 -14.08
CA ILE C 183 44.46 -38.83 -12.67
C ILE C 183 45.72 -39.12 -11.91
N ILE C 184 46.39 -40.16 -12.35
CA ILE C 184 47.59 -40.71 -11.74
C ILE C 184 48.80 -39.81 -11.73
N ILE C 185 48.99 -39.06 -12.80
CA ILE C 185 50.00 -38.06 -12.81
C ILE C 185 49.65 -36.92 -11.87
N THR C 186 48.39 -36.60 -11.81
CA THR C 186 47.88 -35.53 -11.01
C THR C 186 48.09 -35.73 -9.55
N GLN C 187 47.94 -36.96 -9.13
CA GLN C 187 48.07 -37.29 -7.74
C GLN C 187 49.44 -37.01 -7.26
N ALA C 188 50.40 -37.32 -8.11
CA ALA C 188 51.76 -37.09 -7.78
C ALA C 188 52.08 -35.65 -7.60
N ILE C 189 51.60 -34.85 -8.51
CA ILE C 189 51.86 -33.43 -8.45
C ILE C 189 51.24 -32.71 -7.29
N MET C 190 50.03 -33.10 -7.00
CA MET C 190 49.22 -32.40 -6.01
C MET C 190 49.66 -32.80 -4.61
N TYR C 191 49.83 -34.11 -4.38
CA TYR C 191 50.41 -34.63 -3.14
C TYR C 191 51.67 -33.85 -2.77
N LEU C 192 52.63 -33.91 -3.67
CA LEU C 192 53.92 -33.23 -3.52
C LEU C 192 53.68 -31.75 -3.22
N PHE C 193 52.90 -31.08 -4.07
CA PHE C 193 52.49 -29.69 -3.86
C PHE C 193 51.84 -29.54 -2.48
N LEU C 194 50.87 -30.41 -2.17
CA LEU C 194 50.13 -30.30 -0.89
C LEU C 194 51.03 -30.58 0.31
N LEU C 195 51.88 -31.59 0.20
CA LEU C 195 52.88 -31.89 1.23
C LEU C 195 53.66 -30.64 1.57
N VAL C 196 54.54 -30.19 0.66
CA VAL C 196 55.43 -29.06 1.00
C VAL C 196 54.59 -27.87 1.39
N ALA C 197 53.61 -27.53 0.55
CA ALA C 197 52.73 -26.43 0.85
C ALA C 197 52.37 -26.48 2.31
N TYR C 198 51.81 -27.61 2.77
CA TYR C 198 51.18 -27.66 4.12
C TYR C 198 52.20 -27.28 5.18
N VAL C 199 53.37 -27.90 5.09
CA VAL C 199 54.54 -27.63 5.93
C VAL C 199 54.92 -26.15 5.88
N ILE C 200 55.06 -25.61 4.68
CA ILE C 200 55.43 -24.18 4.52
C ILE C 200 54.43 -23.28 5.25
N SER C 201 53.14 -23.48 4.99
CA SER C 201 52.08 -22.63 5.56
C SER C 201 50.75 -23.38 5.60
N PRO C 202 50.40 -23.97 6.75
CA PRO C 202 49.16 -24.72 6.76
C PRO C 202 47.94 -23.82 6.61
N ARG C 203 48.10 -22.55 6.99
CA ARG C 203 47.10 -21.51 6.73
C ARG C 203 46.65 -21.42 5.28
N PHE C 204 47.62 -21.44 4.37
CA PHE C 204 47.36 -21.36 2.94
C PHE C 204 46.49 -22.55 2.51
N VAL C 205 47.00 -23.77 2.63
CA VAL C 205 46.27 -24.96 2.18
C VAL C 205 44.80 -24.96 2.65
N HIS C 206 44.56 -24.59 3.90
CA HIS C 206 43.22 -24.64 4.45
C HIS C 206 42.28 -23.61 3.80
N ARG C 207 42.82 -22.43 3.47
CA ARG C 207 42.04 -21.41 2.77
C ARG C 207 41.77 -21.87 1.33
N PHE C 208 42.80 -22.43 0.72
CA PHE C 208 42.73 -23.01 -0.61
C PHE C 208 41.83 -24.25 -0.67
N VAL C 209 41.53 -24.85 0.47
CA VAL C 209 40.48 -25.89 0.53
C VAL C 209 39.10 -25.25 0.88
N GLY C 210 39.11 -24.14 1.61
CA GLY C 210 37.89 -23.38 1.81
C GLY C 210 37.30 -22.93 0.48
N TYR C 211 38.16 -22.43 -0.40
CA TYR C 211 37.72 -21.84 -1.65
C TYR C 211 37.37 -22.92 -2.66
N LEU C 212 38.21 -23.94 -2.82
CA LEU C 212 37.83 -25.10 -3.65
C LEU C 212 36.43 -25.59 -3.30
N GLU C 213 36.11 -25.63 -2.02
CA GLU C 213 34.86 -26.19 -1.57
C GLU C 213 33.68 -25.18 -1.73
N GLU C 214 33.98 -23.89 -1.79
CA GLU C 214 33.00 -22.93 -2.34
C GLU C 214 32.62 -23.34 -3.76
N GLU C 215 33.63 -23.68 -4.55
CA GLU C 215 33.41 -24.02 -5.94
C GLU C 215 32.61 -25.31 -6.14
N ALA C 216 32.79 -26.28 -5.23
CA ALA C 216 32.07 -27.55 -5.32
C ALA C 216 30.61 -27.44 -4.86
N VAL C 217 30.32 -26.49 -3.96
CA VAL C 217 28.93 -26.20 -3.58
C VAL C 217 28.21 -25.51 -4.74
N ILE C 218 28.90 -24.60 -5.43
CA ILE C 218 28.45 -23.99 -6.69
C ILE C 218 28.23 -25.02 -7.77
N THR C 219 29.22 -25.87 -7.97
CA THR C 219 29.19 -26.91 -8.98
C THR C 219 28.12 -27.95 -8.72
N TYR C 220 27.94 -28.35 -7.46
CA TYR C 220 26.91 -29.34 -7.13
C TYR C 220 25.50 -28.76 -7.15
N THR C 221 25.35 -27.51 -6.72
CA THR C 221 24.05 -26.86 -6.92
C THR C 221 23.81 -26.63 -8.42
N GLY C 222 24.84 -26.18 -9.13
CA GLY C 222 24.77 -26.13 -10.59
C GLY C 222 24.09 -27.38 -11.12
N VAL C 223 24.47 -28.54 -10.58
CA VAL C 223 23.92 -29.83 -10.98
C VAL C 223 22.49 -30.04 -10.49
N MET C 224 22.13 -29.45 -9.35
CA MET C 224 20.76 -29.62 -8.79
C MET C 224 19.76 -28.74 -9.57
N ARG C 225 20.13 -27.47 -9.82
CA ARG C 225 19.36 -26.61 -10.74
C ARG C 225 19.07 -27.42 -12.02
N ALA C 226 20.13 -27.94 -12.64
CA ALA C 226 20.02 -28.63 -13.94
C ALA C 226 19.08 -29.82 -13.92
N ILE C 227 18.98 -30.50 -12.79
CA ILE C 227 18.01 -31.60 -12.65
C ILE C 227 16.62 -31.00 -12.58
N ASP C 228 16.50 -29.94 -11.78
CA ASP C 228 15.24 -29.23 -11.56
C ASP C 228 14.61 -28.66 -12.83
N GLU C 229 15.45 -28.16 -13.75
CA GLU C 229 15.04 -27.68 -15.09
C GLU C 229 14.63 -28.80 -16.03
N GLY C 230 15.04 -30.03 -15.75
CA GLY C 230 14.97 -31.12 -16.71
C GLY C 230 16.19 -31.20 -17.63
N ARG C 231 17.14 -30.26 -17.50
CA ARG C 231 18.37 -30.27 -18.33
C ARG C 231 19.16 -31.56 -18.09
N LEU C 232 19.09 -32.05 -16.86
CA LEU C 232 19.66 -33.33 -16.47
C LEU C 232 18.47 -34.19 -16.13
N ARG C 233 18.35 -35.31 -16.82
CA ARG C 233 17.12 -36.12 -16.80
C ARG C 233 17.47 -37.44 -16.14
N PRO C 234 18.17 -37.35 -15.00
CA PRO C 234 19.07 -38.41 -14.56
C PRO C 234 18.69 -39.79 -15.10
N THR C 235 19.55 -40.30 -15.98
CA THR C 235 19.48 -41.69 -16.45
C THR C 235 19.85 -42.62 -15.29
N LYS C 236 20.83 -42.18 -14.49
CA LYS C 236 21.32 -42.94 -13.35
C LYS C 236 20.48 -42.68 -12.09
N ASN C 237 19.15 -42.70 -12.25
CA ASN C 237 18.23 -42.50 -11.13
C ASN C 237 18.22 -43.67 -10.15
N ASP C 238 18.91 -44.75 -10.52
CA ASP C 238 19.40 -45.72 -9.57
C ASP C 238 20.65 -45.12 -8.91
N VAL C 239 20.57 -44.94 -7.59
CA VAL C 239 21.69 -44.54 -6.76
C VAL C 239 22.46 -45.80 -6.38
N PRO C 240 23.81 -45.73 -6.29
CA PRO C 240 24.59 -46.91 -5.90
C PRO C 240 24.39 -47.31 -4.45
N GLU C 241 24.24 -48.61 -4.22
CA GLU C 241 24.15 -49.16 -2.86
C GLU C 241 25.28 -48.62 -1.93
N VAL C 242 26.50 -48.48 -2.47
CA VAL C 242 27.62 -47.87 -1.72
C VAL C 242 27.17 -46.58 -1.08
N ALA C 243 26.50 -45.75 -1.89
CA ALA C 243 26.04 -44.45 -1.46
C ALA C 243 24.74 -44.52 -0.70
N ARG C 244 23.89 -45.51 -0.99
CA ARG C 244 22.64 -45.62 -0.22
C ARG C 244 22.90 -45.92 1.25
N VAL C 245 23.90 -46.77 1.55
CA VAL C 245 24.22 -47.07 2.95
C VAL C 245 25.09 -45.98 3.57
N TYR C 246 26.02 -45.40 2.82
CA TYR C 246 26.92 -44.40 3.40
C TYR C 246 26.22 -43.15 3.90
N TRP C 247 25.10 -42.79 3.26
CA TRP C 247 24.37 -41.58 3.61
C TRP C 247 23.03 -41.92 4.20
N ASN C 248 22.76 -43.20 4.38
CA ASN C 248 21.51 -43.62 5.00
C ASN C 248 20.29 -43.10 4.24
N LEU C 249 20.31 -43.32 2.93
CA LEU C 249 19.25 -42.92 2.03
C LEU C 249 18.28 -44.08 1.83
N SER C 250 17.02 -43.75 1.58
CA SER C 250 15.99 -44.77 1.32
C SER C 250 16.13 -45.27 -0.09
N LYS C 251 15.37 -46.32 -0.42
CA LYS C 251 15.36 -46.89 -1.79
C LYS C 251 14.64 -45.99 -2.80
N ASN C 252 13.84 -45.04 -2.31
CA ASN C 252 13.23 -44.02 -3.18
C ASN C 252 14.06 -42.73 -3.24
N ALA C 253 15.37 -42.86 -2.96
CA ALA C 253 16.26 -41.71 -3.03
C ALA C 253 16.61 -41.41 -4.48
N THR C 254 16.53 -40.14 -4.83
CA THR C 254 16.75 -39.68 -6.18
C THR C 254 18.22 -39.30 -6.38
N PHE C 255 18.67 -39.35 -7.62
CA PHE C 255 20.02 -38.91 -7.92
C PHE C 255 20.21 -37.46 -7.48
N ARG C 256 19.11 -36.72 -7.29
CA ARG C 256 19.19 -35.33 -6.81
C ARG C 256 19.56 -35.32 -5.32
N ASP C 257 18.99 -36.24 -4.56
CA ASP C 257 19.36 -36.40 -3.15
C ASP C 257 20.85 -36.70 -3.01
N LEU C 258 21.29 -37.72 -3.74
CA LEU C 258 22.70 -38.07 -3.79
C LEU C 258 23.52 -36.81 -3.94
N ILE C 259 23.11 -35.93 -4.84
CA ILE C 259 23.88 -34.72 -5.06
C ILE C 259 23.72 -33.75 -3.89
N ASN C 260 22.52 -33.74 -3.30
CA ASN C 260 22.25 -32.90 -2.13
C ASN C 260 23.22 -33.26 -0.96
N VAL C 261 23.26 -34.55 -0.61
CA VAL C 261 24.05 -35.00 0.54
C VAL C 261 25.53 -34.76 0.32
N ILE C 262 26.00 -34.97 -0.91
CA ILE C 262 27.39 -34.66 -1.27
C ILE C 262 27.68 -33.16 -1.24
N ARG C 263 26.67 -32.34 -1.47
CA ARG C 263 26.86 -30.88 -1.47
C ARG C 263 26.85 -30.39 -0.02
N ALA C 264 26.08 -31.09 0.83
CA ALA C 264 26.15 -30.89 2.28
C ALA C 264 27.56 -31.14 2.79
N ASP C 265 28.08 -32.34 2.52
CA ASP C 265 29.44 -32.70 2.91
C ASP C 265 30.37 -31.57 2.48
N GLU C 266 30.29 -31.16 1.19
CA GLU C 266 31.27 -30.22 0.65
C GLU C 266 31.18 -28.88 1.40
N ALA C 267 29.98 -28.54 1.84
CA ALA C 267 29.79 -27.30 2.56
C ALA C 267 30.36 -27.44 3.97
N GLU C 268 30.13 -28.56 4.63
CA GLU C 268 30.86 -28.84 5.89
C GLU C 268 32.36 -28.63 5.73
N HIS C 269 32.97 -29.24 4.72
CA HIS C 269 34.41 -29.11 4.56
C HIS C 269 34.72 -27.65 4.45
N ARG C 270 33.90 -26.97 3.65
CA ARG C 270 34.06 -25.56 3.35
C ARG C 270 34.25 -24.77 4.63
N VAL C 271 33.26 -24.82 5.53
CA VAL C 271 33.35 -24.03 6.78
C VAL C 271 34.62 -24.43 7.53
N VAL C 272 34.73 -25.72 7.80
CA VAL C 272 35.78 -26.26 8.62
C VAL C 272 37.12 -25.76 8.12
N ASN C 273 37.42 -26.03 6.86
CA ASN C 273 38.67 -25.60 6.27
C ASN C 273 38.87 -24.09 6.28
N HIS C 274 37.80 -23.30 6.18
CA HIS C 274 37.94 -21.85 6.32
C HIS C 274 38.18 -21.47 7.77
N THR C 275 37.70 -22.31 8.69
CA THR C 275 37.88 -22.12 10.13
C THR C 275 39.31 -22.43 10.56
N PHE C 276 39.80 -23.58 10.13
CA PHE C 276 41.19 -23.95 10.40
C PHE C 276 42.14 -22.87 9.86
N ALA C 277 41.97 -22.49 8.59
CA ALA C 277 42.75 -21.39 8.00
C ALA C 277 42.72 -20.14 8.89
N ASP C 278 41.53 -19.79 9.37
CA ASP C 278 41.35 -18.69 10.31
C ASP C 278 42.21 -18.90 11.54
N MET C 279 41.99 -20.03 12.21
CA MET C 279 42.69 -20.33 13.46
C MET C 279 44.18 -20.19 13.28
N HIS C 280 44.72 -20.66 12.15
CA HIS C 280 46.15 -20.48 11.90
C HIS C 280 46.49 -18.97 11.89
N GLU C 281 45.71 -18.18 11.15
CA GLU C 281 45.99 -16.73 11.03
C GLU C 281 46.01 -16.04 12.41
N LYS C 282 45.19 -16.51 13.35
CA LYS C 282 45.21 -15.97 14.72
C LYS C 282 46.13 -16.78 15.68
N ARG C 283 47.06 -17.53 15.12
CA ARG C 283 47.96 -18.38 15.91
C ARG C 283 47.20 -19.22 16.94
N LEU C 284 46.19 -19.95 16.45
CA LEU C 284 45.33 -20.78 17.30
C LEU C 284 45.35 -22.28 16.89
N GLN C 285 46.33 -22.67 16.07
CA GLN C 285 46.42 -24.03 15.51
C GLN C 285 46.74 -25.13 16.53
N ASN C 286 46.98 -24.72 17.79
CA ASN C 286 47.14 -25.65 18.90
C ASN C 286 45.94 -25.58 19.88
N SER C 287 44.94 -24.75 19.60
CA SER C 287 43.71 -24.74 20.40
C SER C 287 42.88 -26.01 20.10
N VAL C 288 41.66 -26.10 20.59
CA VAL C 288 40.90 -27.29 20.27
C VAL C 288 40.17 -27.08 18.93
N ASN C 289 40.01 -28.18 18.17
CA ASN C 289 39.15 -28.17 16.98
C ASN C 289 37.74 -27.86 17.45
N PRO C 290 37.17 -26.71 17.02
CA PRO C 290 35.86 -26.31 17.52
C PRO C 290 34.71 -27.20 17.10
N PHE C 291 34.93 -28.09 16.13
CA PHE C 291 33.86 -28.93 15.58
C PHE C 291 33.65 -30.27 16.29
N VAL C 292 34.68 -30.80 16.95
CA VAL C 292 34.51 -32.07 17.70
C VAL C 292 33.45 -31.92 18.80
N VAL C 293 33.37 -30.74 19.39
CA VAL C 293 32.29 -30.41 20.34
C VAL C 293 30.94 -30.22 19.61
N LEU C 294 30.90 -29.25 18.69
CA LEU C 294 29.68 -28.81 18.01
C LEU C 294 28.96 -29.84 17.16
N LYS C 295 29.70 -30.80 16.60
CA LYS C 295 29.09 -31.86 15.80
C LYS C 295 28.53 -32.99 16.68
N LYS C 296 28.28 -32.70 17.95
CA LYS C 296 27.97 -33.73 18.95
C LYS C 296 27.46 -33.08 20.24
N PRO D 31 -21.68 71.30 -0.36
CA PRO D 31 -22.15 69.92 -0.40
C PRO D 31 -23.38 69.73 -1.28
N VAL D 32 -23.38 68.69 -2.12
CA VAL D 32 -24.49 68.41 -3.05
C VAL D 32 -25.76 67.96 -2.32
N TRP D 33 -25.62 67.66 -1.03
CA TRP D 33 -26.77 67.59 -0.13
C TRP D 33 -26.49 68.45 1.11
N GLY D 34 -26.67 69.75 0.96
CA GLY D 34 -26.43 70.72 2.02
C GLY D 34 -27.63 71.60 2.25
N HIS D 35 -27.40 72.80 2.76
CA HIS D 35 -28.45 73.64 3.33
C HIS D 35 -29.55 74.09 2.36
N THR D 36 -29.23 74.18 1.07
CA THR D 36 -30.23 74.63 0.10
C THR D 36 -31.38 73.64 0.04
N GLN D 37 -31.05 72.37 0.16
CA GLN D 37 -32.04 71.31 0.21
C GLN D 37 -32.72 71.26 1.58
N LEU D 38 -31.93 71.36 2.64
CA LEU D 38 -32.47 71.34 4.00
C LEU D 38 -33.46 72.48 4.28
N ASN D 39 -33.41 73.54 3.49
CA ASN D 39 -34.34 74.67 3.64
C ASN D 39 -35.47 74.73 2.60
N ARG D 40 -35.49 73.79 1.66
CA ARG D 40 -36.65 73.63 0.80
C ARG D 40 -37.80 73.02 1.61
N LEU D 41 -39.03 73.30 1.20
CA LEU D 41 -40.21 72.92 1.98
C LEU D 41 -40.64 71.49 1.71
N SER D 42 -40.51 71.10 0.44
CA SER D 42 -40.93 69.78 -0.02
C SER D 42 -40.10 69.46 -1.23
N PHE D 43 -40.06 68.17 -1.59
CA PHE D 43 -39.44 67.75 -2.84
C PHE D 43 -40.40 66.99 -3.73
N LEU D 44 -41.70 67.06 -3.41
CA LEU D 44 -42.78 66.50 -4.24
C LEU D 44 -42.56 66.85 -5.70
N GLU D 45 -42.28 68.12 -5.94
CA GLU D 45 -42.05 68.62 -7.30
C GLU D 45 -41.23 67.66 -8.17
N THR D 46 -40.22 67.01 -7.58
CA THR D 46 -39.17 66.32 -8.36
C THR D 46 -39.44 64.85 -8.65
N VAL D 47 -40.54 64.29 -8.15
CA VAL D 47 -40.79 62.86 -8.35
C VAL D 47 -40.97 62.49 -9.85
N PRO D 48 -41.56 63.38 -10.67
CA PRO D 48 -41.69 63.03 -12.08
C PRO D 48 -40.37 62.93 -12.86
N VAL D 49 -39.33 63.65 -12.43
CA VAL D 49 -38.01 63.52 -13.06
C VAL D 49 -37.02 62.65 -12.27
N VAL D 50 -37.50 61.75 -11.42
CA VAL D 50 -36.60 60.89 -10.64
C VAL D 50 -36.69 59.44 -11.13
N PRO D 51 -35.59 58.93 -11.71
CA PRO D 51 -35.68 57.59 -12.30
C PRO D 51 -35.99 56.46 -11.32
N LEU D 52 -36.55 55.38 -11.86
CA LEU D 52 -36.73 54.15 -11.13
C LEU D 52 -35.52 53.30 -11.44
N ARG D 53 -34.67 53.10 -10.42
CA ARG D 53 -33.55 52.18 -10.52
C ARG D 53 -33.61 51.10 -9.42
N VAL D 54 -33.72 49.87 -9.87
CA VAL D 54 -33.25 48.68 -9.16
C VAL D 54 -32.27 48.93 -7.98
N SER D 55 -31.19 49.69 -8.21
CA SER D 55 -30.17 49.91 -7.15
C SER D 55 -30.69 50.69 -5.91
N ASP D 56 -31.87 51.29 -6.00
CA ASP D 56 -32.42 52.04 -4.87
C ASP D 56 -33.44 51.25 -4.03
N GLU D 57 -33.70 49.99 -4.41
CA GLU D 57 -34.72 49.15 -3.74
C GLU D 57 -34.23 48.68 -2.39
N SER D 58 -32.92 48.54 -2.25
CA SER D 58 -32.26 48.17 -1.00
C SER D 58 -31.44 49.31 -0.45
N SER D 59 -31.12 49.23 0.83
CA SER D 59 -30.08 50.06 1.44
C SER D 59 -28.76 49.79 0.73
N GLU D 60 -27.68 50.40 1.23
CA GLU D 60 -26.36 50.26 0.60
C GLU D 60 -25.59 49.02 1.03
N ASP D 61 -25.94 48.45 2.19
CA ASP D 61 -25.30 47.22 2.66
C ASP D 61 -25.59 46.04 1.74
N ARG D 62 -24.89 45.97 0.61
CA ARG D 62 -25.05 44.86 -0.31
C ARG D 62 -24.08 43.76 0.07
N PRO D 63 -24.57 42.49 0.07
CA PRO D 63 -23.65 41.35 0.25
C PRO D 63 -22.69 41.22 -0.91
N THR D 64 -21.41 41.12 -0.58
CA THR D 64 -20.33 41.05 -1.54
C THR D 64 -19.67 39.67 -1.54
N TRP D 65 -20.39 38.63 -1.97
CA TRP D 65 -19.78 37.28 -2.07
C TRP D 65 -18.92 37.18 -3.31
N SER D 66 -18.09 36.14 -3.35
CA SER D 66 -17.47 35.67 -4.59
C SER D 66 -17.82 34.18 -4.76
N LEU D 67 -18.42 33.84 -5.89
CA LEU D 67 -18.99 32.52 -6.14
C LEU D 67 -18.04 31.33 -5.84
N PRO D 68 -16.81 31.30 -6.42
CA PRO D 68 -15.92 30.15 -6.16
C PRO D 68 -15.80 29.83 -4.66
N ASP D 69 -15.66 30.86 -3.83
CA ASP D 69 -15.65 30.65 -2.39
C ASP D 69 -17.01 30.11 -1.92
N ILE D 70 -18.09 30.86 -1.94
CA ILE D 70 -19.37 30.37 -1.35
C ILE D 70 -19.85 29.02 -1.93
N GLU D 71 -19.19 28.54 -2.98
CA GLU D 71 -19.40 27.18 -3.43
C GLU D 71 -19.13 26.21 -2.29
N ASN D 72 -18.12 26.55 -1.47
CA ASN D 72 -17.79 25.85 -0.21
C ASN D 72 -18.81 26.02 0.93
N VAL D 73 -19.88 26.77 0.75
CA VAL D 73 -20.83 26.92 1.86
C VAL D 73 -21.45 25.55 2.09
N ALA D 74 -21.52 25.15 3.35
CA ALA D 74 -21.99 23.82 3.70
C ALA D 74 -23.32 23.79 4.48
N ILE D 75 -23.84 22.57 4.54
CA ILE D 75 -24.91 22.19 5.44
C ILE D 75 -24.27 21.86 6.78
N THR D 76 -24.75 22.50 7.83
CA THR D 76 -24.25 22.26 9.19
C THR D 76 -25.41 22.19 10.12
N HIS D 77 -25.15 21.68 11.31
CA HIS D 77 -26.15 21.57 12.35
C HIS D 77 -25.53 21.85 13.70
N LYS D 78 -26.15 22.74 14.45
CA LYS D 78 -25.79 22.96 15.83
C LYS D 78 -26.69 22.08 16.67
N LYS D 79 -26.08 21.18 17.43
CA LYS D 79 -26.80 20.24 18.28
C LYS D 79 -27.39 21.03 19.47
N PRO D 80 -28.69 20.82 19.80
CA PRO D 80 -29.36 21.48 20.94
C PRO D 80 -28.68 21.36 22.30
N ASN D 81 -29.08 22.21 23.24
CA ASN D 81 -28.64 22.14 24.64
C ASN D 81 -29.76 21.72 25.61
N GLY D 82 -30.67 22.63 25.97
CA GLY D 82 -31.68 22.35 26.99
C GLY D 82 -33.09 22.35 26.45
N LEU D 83 -34.02 22.84 27.26
CA LEU D 83 -35.44 22.91 26.88
C LEU D 83 -35.67 23.73 25.60
N VAL D 84 -35.29 25.00 25.64
CA VAL D 84 -35.62 25.98 24.59
C VAL D 84 -35.00 25.67 23.23
N ASP D 85 -33.75 25.22 23.21
CA ASP D 85 -33.15 24.76 21.97
C ASP D 85 -34.02 23.66 21.32
N THR D 86 -34.42 22.69 22.14
CA THR D 86 -35.27 21.59 21.66
C THR D 86 -36.70 22.04 21.40
N LEU D 87 -37.20 22.97 22.20
CA LEU D 87 -38.50 23.57 21.91
C LEU D 87 -38.46 24.20 20.52
N ALA D 88 -37.38 24.93 20.24
CA ALA D 88 -37.19 25.58 18.95
C ALA D 88 -37.01 24.57 17.80
N TYR D 89 -36.05 23.65 17.96
CA TYR D 89 -35.69 22.70 16.92
C TYR D 89 -36.85 21.82 16.48
N ARG D 90 -37.72 21.47 17.42
CA ARG D 90 -38.92 20.71 17.08
C ARG D 90 -39.91 21.60 16.35
N SER D 91 -40.04 22.85 16.79
CA SER D 91 -40.97 23.79 16.15
C SER D 91 -40.64 23.92 14.67
N VAL D 92 -39.35 24.01 14.36
CA VAL D 92 -38.91 24.13 12.98
C VAL D 92 -39.20 22.85 12.20
N ARG D 93 -38.79 21.71 12.75
CA ARG D 93 -39.07 20.40 12.13
C ARG D 93 -40.56 20.12 11.96
N THR D 94 -41.35 20.45 12.98
CA THR D 94 -42.80 20.36 12.89
C THR D 94 -43.27 21.20 11.71
N CYS D 95 -42.87 22.48 11.71
CA CYS D 95 -43.22 23.41 10.64
C CYS D 95 -42.89 22.88 9.24
N ARG D 96 -41.80 22.12 9.09
CA ARG D 96 -41.42 21.57 7.77
C ARG D 96 -42.31 20.42 7.32
N TRP D 97 -42.32 19.33 8.09
CA TRP D 97 -43.18 18.19 7.79
C TRP D 97 -44.62 18.63 7.48
N LEU D 98 -45.10 19.64 8.20
CA LEU D 98 -46.41 20.23 7.96
C LEU D 98 -46.45 20.95 6.61
N PHE D 99 -45.46 21.82 6.38
CA PHE D 99 -45.39 22.62 5.15
C PHE D 99 -45.10 21.76 3.92
N ASP D 100 -44.20 20.78 4.07
CA ASP D 100 -43.79 19.93 2.94
C ASP D 100 -44.88 18.96 2.45
N THR D 101 -45.90 18.71 3.27
CA THR D 101 -47.04 17.87 2.86
C THR D 101 -48.27 18.70 2.45
N PHE D 102 -48.53 19.80 3.17
CA PHE D 102 -49.60 20.74 2.77
C PHE D 102 -49.25 21.43 1.46
N SER D 103 -47.97 21.45 1.12
CA SER D 103 -47.51 21.72 -0.25
C SER D 103 -47.17 20.35 -0.84
N LEU D 104 -47.37 20.20 -2.15
CA LEU D 104 -47.09 18.94 -2.83
C LEU D 104 -45.63 18.92 -3.32
N TYR D 105 -44.72 19.43 -2.48
CA TYR D 105 -43.31 19.56 -2.83
C TYR D 105 -42.66 18.22 -3.11
N ARG D 106 -43.06 17.20 -2.33
CA ARG D 106 -42.43 15.88 -2.40
C ARG D 106 -43.17 14.86 -3.30
N PHE D 107 -44.39 15.18 -3.73
CA PHE D 107 -45.21 14.22 -4.48
C PHE D 107 -44.63 13.95 -5.89
N GLY D 108 -44.70 14.93 -6.78
CA GLY D 108 -44.12 14.78 -8.12
C GLY D 108 -42.63 15.11 -8.11
N SER D 109 -42.00 15.07 -9.28
CA SER D 109 -40.58 15.47 -9.41
C SER D 109 -40.44 16.99 -9.31
N ILE D 110 -39.23 17.45 -9.00
CA ILE D 110 -38.95 18.88 -8.87
C ILE D 110 -39.21 19.62 -10.20
N THR D 111 -39.94 20.73 -10.13
CA THR D 111 -40.14 21.62 -11.28
C THR D 111 -39.90 23.07 -10.84
N GLU D 112 -39.48 23.90 -11.78
CA GLU D 112 -39.27 25.34 -11.55
C GLU D 112 -40.36 25.96 -10.65
N SER D 113 -41.61 25.74 -11.05
CA SER D 113 -42.75 26.44 -10.44
C SER D 113 -42.88 26.23 -8.94
N LYS D 114 -43.06 24.98 -8.51
CA LYS D 114 -43.28 24.69 -7.09
C LYS D 114 -42.11 25.11 -6.21
N VAL D 115 -40.89 25.00 -6.75
CA VAL D 115 -39.67 25.44 -6.07
C VAL D 115 -39.74 26.94 -5.75
N ILE D 116 -39.96 27.74 -6.78
CA ILE D 116 -40.08 29.19 -6.62
C ILE D 116 -41.27 29.52 -5.72
N SER D 117 -42.37 28.80 -5.92
CA SER D 117 -43.54 28.97 -5.07
C SER D 117 -43.18 28.87 -3.60
N ARG D 118 -42.43 27.82 -3.23
CA ARG D 118 -42.06 27.59 -1.83
C ARG D 118 -41.16 28.70 -1.27
N CYS D 119 -40.18 29.13 -2.05
CA CYS D 119 -39.25 30.20 -1.65
C CYS D 119 -39.97 31.53 -1.60
N LEU D 120 -40.72 31.82 -2.66
CA LEU D 120 -41.55 33.03 -2.71
C LEU D 120 -42.30 33.16 -1.40
N PHE D 121 -42.91 32.07 -0.97
CA PHE D 121 -43.78 32.08 0.21
C PHE D 121 -42.97 32.22 1.49
N LEU D 122 -41.95 31.37 1.63
CA LEU D 122 -41.10 31.35 2.81
C LEU D 122 -40.34 32.67 3.03
N GLU D 123 -39.86 33.29 1.96
CA GLU D 123 -39.20 34.60 2.05
C GLU D 123 -40.11 35.68 2.67
N THR D 124 -41.40 35.65 2.37
CA THR D 124 -42.36 36.59 2.97
C THR D 124 -42.37 36.43 4.50
N VAL D 125 -42.20 35.20 4.96
CA VAL D 125 -42.14 34.94 6.39
C VAL D 125 -40.72 35.28 6.89
N ALA D 126 -39.72 34.89 6.09
CA ALA D 126 -38.29 35.08 6.42
C ALA D 126 -37.88 36.55 6.68
N GLY D 127 -38.60 37.49 6.10
CA GLY D 127 -38.28 38.90 6.29
C GLY D 127 -38.85 39.49 7.57
N VAL D 128 -39.74 38.75 8.22
CA VAL D 128 -40.42 39.23 9.43
C VAL D 128 -39.51 39.22 10.68
N PRO D 129 -38.77 38.14 10.95
CA PRO D 129 -37.96 38.04 12.19
C PRO D 129 -36.97 39.17 12.48
N GLY D 130 -35.97 39.37 11.62
CA GLY D 130 -34.92 40.38 11.88
C GLY D 130 -35.44 41.81 12.03
N MET D 131 -36.57 42.11 11.39
CA MET D 131 -37.28 43.36 11.62
C MET D 131 -37.70 43.48 13.10
N VAL D 132 -38.48 42.52 13.59
CA VAL D 132 -39.06 42.66 14.93
C VAL D 132 -37.95 42.74 15.95
N GLY D 133 -36.95 41.87 15.82
CA GLY D 133 -35.82 41.87 16.71
C GLY D 133 -35.06 43.20 16.72
N GLY D 134 -34.76 43.74 15.54
CA GLY D 134 -34.11 45.04 15.44
C GLY D 134 -34.97 46.18 15.98
N MET D 135 -36.28 46.00 15.86
CA MET D 135 -37.26 46.99 16.33
C MET D 135 -37.38 46.95 17.86
N LEU D 136 -37.56 45.76 18.42
CA LEU D 136 -37.61 45.58 19.87
C LEU D 136 -36.33 46.08 20.51
N ARG D 137 -35.21 45.79 19.87
CA ARG D 137 -33.91 46.23 20.36
C ARG D 137 -33.70 47.74 20.15
N HIS D 138 -34.23 48.25 19.05
CA HIS D 138 -34.28 49.70 18.83
C HIS D 138 -35.02 50.35 20.01
N LEU D 139 -36.23 49.86 20.28
CA LEU D 139 -37.06 50.39 21.37
C LEU D 139 -36.45 50.24 22.77
N SER D 140 -35.62 49.22 22.96
CA SER D 140 -34.95 49.01 24.24
C SER D 140 -33.90 50.08 24.49
N SER D 141 -33.19 50.44 23.43
CA SER D 141 -32.18 51.51 23.48
C SER D 141 -32.82 52.88 23.70
N LEU D 142 -33.95 53.14 23.05
CA LEU D 142 -34.65 54.41 23.20
C LEU D 142 -35.07 54.63 24.65
N ARG D 143 -35.79 53.67 25.23
CA ARG D 143 -36.43 53.87 26.54
C ARG D 143 -35.53 53.65 27.76
N TYR D 144 -34.53 52.78 27.64
CA TYR D 144 -33.52 52.65 28.69
C TYR D 144 -32.27 53.45 28.39
N MET D 145 -32.28 54.26 27.34
CA MET D 145 -31.10 55.05 26.96
C MET D 145 -29.82 54.23 27.09
N THR D 146 -29.78 53.12 26.36
CA THR D 146 -28.67 52.19 26.39
C THR D 146 -28.06 51.98 25.01
N ARG D 147 -26.75 51.83 24.97
CA ARG D 147 -26.04 51.48 23.73
C ARG D 147 -26.52 50.11 23.30
N ASP D 148 -26.71 49.94 22.01
CA ASP D 148 -27.13 48.65 21.46
C ASP D 148 -25.92 47.80 21.11
N LYS D 149 -24.84 48.45 20.72
CA LYS D 149 -23.57 47.81 20.39
C LYS D 149 -23.60 46.95 19.13
N GLY D 150 -24.36 47.37 18.12
CA GLY D 150 -24.32 46.77 16.79
C GLY D 150 -25.48 45.84 16.44
N TRP D 151 -26.20 45.35 17.43
CA TRP D 151 -27.19 44.29 17.17
C TRP D 151 -28.30 44.72 16.18
N ILE D 152 -28.86 45.91 16.40
CA ILE D 152 -30.05 46.36 15.64
C ILE D 152 -29.76 46.30 14.15
N ASN D 153 -28.60 46.82 13.75
CA ASN D 153 -28.29 46.95 12.32
C ASN D 153 -28.22 45.58 11.67
N THR D 154 -27.40 44.69 12.19
CA THR D 154 -27.32 43.32 11.65
C THR D 154 -28.73 42.79 11.42
N LEU D 155 -29.61 42.99 12.40
CA LEU D 155 -30.95 42.42 12.32
C LEU D 155 -31.79 43.11 11.26
N LEU D 156 -31.67 44.43 11.19
CA LEU D 156 -32.32 45.20 10.14
C LEU D 156 -31.96 44.72 8.72
N VAL D 157 -30.66 44.73 8.36
CA VAL D 157 -30.27 44.33 6.98
C VAL D 157 -30.54 42.85 6.75
N GLU D 158 -30.70 42.09 7.81
CA GLU D 158 -31.12 40.69 7.67
C GLU D 158 -32.56 40.62 7.10
N ALA D 159 -33.49 41.35 7.71
CA ALA D 159 -34.82 41.51 7.10
C ALA D 159 -34.75 42.09 5.68
N GLU D 160 -33.94 43.11 5.47
CA GLU D 160 -33.79 43.69 4.13
C GLU D 160 -33.31 42.61 3.15
N ASN D 161 -32.28 41.90 3.54
CA ASN D 161 -31.70 40.84 2.71
C ASN D 161 -32.74 39.79 2.34
N GLU D 162 -33.50 39.33 3.32
CA GLU D 162 -34.57 38.37 3.07
C GLU D 162 -35.69 39.03 2.24
N ARG D 163 -35.85 40.35 2.41
CA ARG D 163 -36.77 41.10 1.62
C ARG D 163 -36.33 41.09 0.17
N MET D 164 -35.03 41.19 -0.04
CA MET D 164 -34.49 41.24 -1.40
C MET D 164 -34.48 39.88 -2.09
N HIS D 165 -34.51 38.80 -1.32
CA HIS D 165 -34.68 37.48 -1.89
C HIS D 165 -36.09 37.38 -2.43
N LEU D 166 -37.05 38.00 -1.72
CA LEU D 166 -38.46 38.08 -2.15
C LEU D 166 -38.52 38.85 -3.44
N MET D 167 -38.02 40.07 -3.41
CA MET D 167 -38.05 40.91 -4.61
C MET D 167 -37.42 40.18 -5.79
N THR D 168 -36.52 39.24 -5.53
CA THR D 168 -35.90 38.45 -6.61
C THR D 168 -36.83 37.40 -7.21
N PHE D 169 -37.51 36.65 -6.34
CA PHE D 169 -38.37 35.53 -6.77
C PHE D 169 -39.69 35.96 -7.43
N ILE D 170 -40.08 37.20 -7.20
CA ILE D 170 -41.31 37.73 -7.76
C ILE D 170 -41.10 38.28 -9.18
N GLU D 171 -39.85 38.45 -9.62
CA GLU D 171 -39.59 38.77 -11.03
C GLU D 171 -39.75 37.49 -11.86
N LEU D 172 -39.48 36.35 -11.24
CA LEU D 172 -39.57 35.07 -11.93
C LEU D 172 -41.04 34.65 -12.06
N ARG D 173 -41.61 34.04 -11.02
CA ARG D 173 -43.01 33.63 -11.02
C ARG D 173 -43.86 34.62 -10.20
N GLN D 174 -44.99 35.02 -10.79
CA GLN D 174 -45.98 35.85 -10.10
C GLN D 174 -47.20 34.97 -9.77
N PRO D 175 -47.48 34.75 -8.48
CA PRO D 175 -48.41 33.73 -7.97
C PRO D 175 -49.90 34.10 -8.01
N GLY D 176 -50.76 33.15 -7.62
CA GLY D 176 -52.21 33.34 -7.67
C GLY D 176 -52.81 33.74 -6.34
N LEU D 177 -54.07 34.20 -6.38
CA LEU D 177 -54.79 34.72 -5.19
C LEU D 177 -54.78 33.80 -3.95
N PRO D 178 -54.96 32.47 -4.12
CA PRO D 178 -54.92 31.57 -2.96
C PRO D 178 -53.58 31.53 -2.22
N LEU D 179 -52.50 31.84 -2.95
CA LEU D 179 -51.15 31.91 -2.39
C LEU D 179 -50.96 33.31 -1.81
N ARG D 180 -51.32 34.33 -2.59
CA ARG D 180 -51.24 35.73 -2.15
C ARG D 180 -52.05 35.96 -0.88
N VAL D 181 -53.22 35.34 -0.80
CA VAL D 181 -54.06 35.38 0.41
C VAL D 181 -53.39 34.67 1.58
N SER D 182 -52.79 33.52 1.31
CA SER D 182 -52.18 32.71 2.37
C SER D 182 -50.95 33.44 2.91
N ILE D 183 -50.29 34.19 2.03
CA ILE D 183 -49.18 35.07 2.44
C ILE D 183 -49.64 36.14 3.43
N ILE D 184 -50.74 36.82 3.12
CA ILE D 184 -51.30 37.85 4.02
C ILE D 184 -51.73 37.32 5.40
N ILE D 185 -52.42 36.17 5.48
CA ILE D 185 -52.86 35.71 6.81
C ILE D 185 -51.68 35.15 7.61
N THR D 186 -50.71 34.60 6.88
CA THR D 186 -49.49 34.05 7.49
C THR D 186 -48.70 35.16 8.19
N GLN D 187 -48.55 36.31 7.51
CA GLN D 187 -47.82 37.43 8.10
C GLN D 187 -48.44 37.77 9.44
N ALA D 188 -49.74 37.99 9.43
CA ALA D 188 -50.48 38.35 10.65
C ALA D 188 -50.23 37.35 11.77
N ILE D 189 -50.13 36.07 11.43
CA ILE D 189 -49.87 35.03 12.44
C ILE D 189 -48.39 34.99 12.84
N MET D 190 -47.50 35.06 11.85
CA MET D 190 -46.07 35.00 12.11
C MET D 190 -45.58 36.26 12.78
N TYR D 191 -46.26 37.37 12.53
CA TYR D 191 -45.91 38.64 13.16
C TYR D 191 -46.21 38.62 14.66
N LEU D 192 -47.47 38.37 14.98
CA LEU D 192 -47.90 38.26 16.37
C LEU D 192 -47.08 37.20 17.11
N PHE D 193 -46.98 36.01 16.53
CA PHE D 193 -46.16 34.95 17.11
C PHE D 193 -44.75 35.46 17.48
N LEU D 194 -44.02 35.95 16.48
CA LEU D 194 -42.63 36.37 16.66
C LEU D 194 -42.52 37.55 17.62
N LEU D 195 -43.52 38.42 17.62
CA LEU D 195 -43.52 39.58 18.50
C LEU D 195 -43.51 39.14 19.98
N VAL D 196 -44.50 38.35 20.39
CA VAL D 196 -44.58 37.93 21.79
C VAL D 196 -43.43 36.97 22.12
N ALA D 197 -42.99 36.22 21.12
CA ALA D 197 -41.88 35.28 21.28
C ALA D 197 -40.54 35.98 21.53
N TYR D 198 -40.35 37.17 20.93
CA TYR D 198 -39.12 37.93 21.14
C TYR D 198 -39.15 38.68 22.48
N VAL D 199 -40.33 39.14 22.89
CA VAL D 199 -40.50 39.78 24.18
C VAL D 199 -40.32 38.75 25.31
N ILE D 200 -40.99 37.61 25.16
CA ILE D 200 -40.84 36.50 26.12
C ILE D 200 -39.42 35.94 26.10
N SER D 201 -39.03 35.32 24.99
CA SER D 201 -37.75 34.62 24.90
C SER D 201 -36.98 34.95 23.63
N PRO D 202 -36.17 36.02 23.65
CA PRO D 202 -35.37 36.28 22.46
C PRO D 202 -34.55 35.05 22.06
N ARG D 203 -33.90 34.44 23.04
CA ARG D 203 -33.12 33.21 22.84
C ARG D 203 -33.81 32.19 21.94
N PHE D 204 -35.05 31.85 22.28
CA PHE D 204 -35.86 30.93 21.48
C PHE D 204 -35.98 31.39 20.01
N VAL D 205 -36.33 32.67 19.81
CA VAL D 205 -36.52 33.24 18.47
C VAL D 205 -35.24 33.11 17.65
N HIS D 206 -34.12 33.50 18.26
CA HIS D 206 -32.82 33.46 17.60
C HIS D 206 -32.36 32.02 17.31
N ARG D 207 -32.70 31.09 18.19
CA ARG D 207 -32.38 29.67 17.97
C ARG D 207 -33.33 29.07 16.94
N PHE D 208 -34.59 29.48 16.99
CA PHE D 208 -35.57 29.09 15.99
C PHE D 208 -35.08 29.45 14.56
N VAL D 209 -34.83 30.72 14.32
CA VAL D 209 -34.36 31.21 13.01
C VAL D 209 -33.11 30.41 12.59
N GLY D 210 -32.09 30.44 13.44
CA GLY D 210 -30.97 29.51 13.32
C GLY D 210 -31.37 28.24 12.61
N TYR D 211 -32.35 27.55 13.16
CA TYR D 211 -32.78 26.26 12.62
C TYR D 211 -33.54 26.42 11.31
N LEU D 212 -34.37 27.45 11.20
CA LEU D 212 -35.00 27.79 9.92
C LEU D 212 -33.92 28.00 8.86
N GLU D 213 -32.83 28.64 9.24
CA GLU D 213 -31.74 28.91 8.31
C GLU D 213 -30.97 27.64 7.90
N GLU D 214 -30.89 26.65 8.81
CA GLU D 214 -30.30 25.34 8.45
C GLU D 214 -31.19 24.63 7.44
N GLU D 215 -32.49 24.89 7.49
CA GLU D 215 -33.43 24.31 6.53
C GLU D 215 -33.31 25.02 5.20
N ALA D 216 -33.11 26.34 5.26
CA ALA D 216 -32.96 27.12 4.05
C ALA D 216 -31.76 26.61 3.28
N VAL D 217 -30.59 26.67 3.92
CA VAL D 217 -29.37 26.26 3.23
C VAL D 217 -29.61 24.93 2.52
N ILE D 218 -30.08 23.92 3.27
CA ILE D 218 -30.32 22.58 2.70
C ILE D 218 -31.07 22.67 1.38
N THR D 219 -32.26 23.26 1.43
CA THR D 219 -33.09 23.41 0.24
C THR D 219 -32.33 24.02 -0.93
N TYR D 220 -31.66 25.12 -0.67
CA TYR D 220 -30.94 25.83 -1.72
C TYR D 220 -29.80 25.00 -2.31
N THR D 221 -29.12 24.18 -1.49
CA THR D 221 -28.08 23.28 -2.06
C THR D 221 -28.73 22.18 -2.89
N GLY D 222 -29.87 21.65 -2.43
CA GLY D 222 -30.66 20.67 -3.18
C GLY D 222 -31.12 21.21 -4.52
N VAL D 223 -31.62 22.44 -4.51
CA VAL D 223 -31.94 23.13 -5.74
C VAL D 223 -30.72 23.07 -6.68
N MET D 224 -29.55 23.43 -6.18
CA MET D 224 -28.33 23.45 -7.02
C MET D 224 -27.91 22.06 -7.47
N ARG D 225 -27.99 21.13 -6.51
CA ARG D 225 -27.97 19.69 -6.77
C ARG D 225 -28.90 19.30 -7.93
N ALA D 226 -30.09 19.89 -7.96
CA ALA D 226 -31.04 19.58 -9.02
C ALA D 226 -30.57 20.08 -10.38
N ILE D 227 -30.07 21.31 -10.41
CA ILE D 227 -29.58 21.92 -11.65
C ILE D 227 -28.49 21.02 -12.21
N ASP D 228 -27.42 20.87 -11.44
CA ASP D 228 -26.30 19.96 -11.77
C ASP D 228 -26.72 18.57 -12.29
N GLU D 229 -27.77 18.01 -11.70
CA GLU D 229 -28.36 16.74 -12.16
C GLU D 229 -29.08 16.86 -13.50
N GLY D 230 -29.41 18.08 -13.91
CA GLY D 230 -30.25 18.29 -15.08
C GLY D 230 -31.75 18.06 -14.83
N ARG D 231 -32.13 17.71 -13.59
CA ARG D 231 -33.55 17.57 -13.22
C ARG D 231 -34.23 18.94 -13.26
N LEU D 232 -33.53 19.96 -12.77
CA LEU D 232 -34.02 21.32 -12.82
C LEU D 232 -33.25 22.07 -13.90
N ARG D 233 -33.93 22.43 -14.97
CA ARG D 233 -33.31 23.08 -16.13
C ARG D 233 -33.67 24.55 -16.10
N PRO D 234 -32.77 25.42 -15.58
CA PRO D 234 -33.16 26.81 -15.37
C PRO D 234 -33.64 27.52 -16.65
N THR D 235 -34.96 27.58 -16.79
CA THR D 235 -35.63 28.29 -17.87
C THR D 235 -35.52 29.79 -17.65
N LYS D 236 -35.67 30.20 -16.38
CA LYS D 236 -35.48 31.59 -15.99
C LYS D 236 -33.99 31.93 -16.00
N ASN D 237 -33.35 31.68 -17.14
CA ASN D 237 -31.91 31.80 -17.28
C ASN D 237 -31.47 33.27 -17.26
N ASP D 238 -32.46 34.15 -17.37
CA ASP D 238 -32.32 35.51 -16.91
C ASP D 238 -32.32 35.54 -15.37
N VAL D 239 -31.19 35.95 -14.81
CA VAL D 239 -31.11 36.42 -13.44
C VAL D 239 -31.66 37.85 -13.47
N PRO D 240 -32.69 38.13 -12.65
CA PRO D 240 -33.27 39.47 -12.66
C PRO D 240 -32.25 40.58 -12.40
N GLU D 241 -32.38 41.70 -13.12
CA GLU D 241 -31.54 42.88 -12.94
C GLU D 241 -31.45 43.23 -11.45
N VAL D 242 -32.61 43.37 -10.79
CA VAL D 242 -32.68 43.66 -9.35
C VAL D 242 -31.59 42.96 -8.57
N ALA D 243 -31.48 41.65 -8.82
CA ALA D 243 -30.55 40.77 -8.14
C ALA D 243 -29.14 40.93 -8.68
N ARG D 244 -29.01 41.18 -9.97
CA ARG D 244 -27.68 41.37 -10.55
C ARG D 244 -26.94 42.49 -9.84
N VAL D 245 -27.65 43.57 -9.52
CA VAL D 245 -27.00 44.72 -8.87
C VAL D 245 -26.99 44.67 -7.33
N TYR D 246 -27.92 43.95 -6.71
CA TYR D 246 -27.92 43.79 -5.24
C TYR D 246 -26.76 42.89 -4.80
N TRP D 247 -26.51 41.82 -5.55
CA TRP D 247 -25.42 40.89 -5.29
C TRP D 247 -24.17 41.18 -6.13
N ASN D 248 -24.30 42.09 -7.10
CA ASN D 248 -23.21 42.42 -8.03
C ASN D 248 -22.77 41.25 -8.91
N LEU D 249 -23.74 40.41 -9.26
CA LEU D 249 -23.50 39.36 -10.23
C LEU D 249 -23.17 39.97 -11.58
N SER D 250 -22.22 39.36 -12.29
CA SER D 250 -21.86 39.80 -13.62
C SER D 250 -22.98 39.43 -14.59
N LYS D 251 -22.67 39.56 -15.88
CA LYS D 251 -23.66 39.44 -16.93
C LYS D 251 -23.86 38.01 -17.39
N ASN D 252 -22.85 37.16 -17.18
CA ASN D 252 -22.96 35.73 -17.48
C ASN D 252 -23.74 34.97 -16.41
N ALA D 253 -23.41 35.24 -15.13
CA ALA D 253 -23.96 34.50 -13.98
C ALA D 253 -25.28 33.77 -14.25
N THR D 254 -25.28 32.46 -14.03
CA THR D 254 -26.48 31.64 -14.26
C THR D 254 -27.42 31.74 -13.08
N PHE D 255 -28.60 31.18 -13.25
CA PHE D 255 -29.59 31.04 -12.17
C PHE D 255 -28.99 30.31 -10.96
N ARG D 256 -28.21 29.27 -11.25
CA ARG D 256 -27.54 28.48 -10.20
C ARG D 256 -26.67 29.37 -9.31
N ASP D 257 -25.96 30.31 -9.93
CA ASP D 257 -25.14 31.27 -9.18
C ASP D 257 -25.98 32.23 -8.32
N LEU D 258 -27.20 32.50 -8.76
CA LEU D 258 -28.14 33.35 -8.02
C LEU D 258 -28.55 32.59 -6.76
N ILE D 259 -28.80 31.31 -6.91
CA ILE D 259 -29.18 30.47 -5.78
C ILE D 259 -28.02 30.31 -4.75
N ASN D 260 -26.79 30.37 -5.27
CA ASN D 260 -25.55 30.22 -4.50
C ASN D 260 -25.38 31.39 -3.53
N VAL D 261 -25.50 32.60 -4.08
CA VAL D 261 -25.43 33.81 -3.25
C VAL D 261 -26.58 33.82 -2.28
N ILE D 262 -27.78 33.48 -2.73
CA ILE D 262 -28.93 33.44 -1.83
C ILE D 262 -28.64 32.50 -0.65
N ARG D 263 -28.08 31.33 -0.95
CA ARG D 263 -27.74 30.36 0.09
C ARG D 263 -26.70 30.92 1.06
N ALA D 264 -25.74 31.67 0.52
CA ALA D 264 -24.69 32.28 1.34
C ALA D 264 -25.30 33.24 2.34
N ASP D 265 -26.28 34.01 1.88
CA ASP D 265 -27.04 34.88 2.77
C ASP D 265 -27.71 34.10 3.89
N GLU D 266 -28.49 33.07 3.52
CA GLU D 266 -29.15 32.22 4.52
C GLU D 266 -28.14 31.61 5.48
N ALA D 267 -26.96 31.25 4.96
CA ALA D 267 -25.90 30.67 5.77
C ALA D 267 -25.32 31.70 6.75
N GLU D 268 -25.28 32.96 6.35
CA GLU D 268 -24.88 34.04 7.27
C GLU D 268 -25.90 34.14 8.39
N HIS D 269 -27.18 34.15 8.04
CA HIS D 269 -28.23 34.26 9.05
C HIS D 269 -28.26 33.05 9.98
N ARG D 270 -27.72 31.92 9.52
CA ARG D 270 -27.50 30.73 10.36
C ARG D 270 -26.53 31.05 11.52
N VAL D 271 -25.27 31.37 11.20
CA VAL D 271 -24.24 31.63 12.24
C VAL D 271 -24.59 32.76 13.19
N VAL D 272 -25.05 33.87 12.62
CA VAL D 272 -25.39 35.05 13.38
C VAL D 272 -26.52 34.73 14.39
N ASN D 273 -27.63 34.20 13.90
CA ASN D 273 -28.72 33.90 14.82
C ASN D 273 -28.38 32.87 15.91
N HIS D 274 -27.56 31.86 15.60
CA HIS D 274 -27.15 30.89 16.61
C HIS D 274 -26.24 31.54 17.62
N THR D 275 -25.40 32.43 17.11
CA THR D 275 -24.46 33.19 17.93
C THR D 275 -25.22 34.14 18.86
N PHE D 276 -26.29 34.78 18.36
CA PHE D 276 -27.14 35.60 19.22
C PHE D 276 -27.83 34.73 20.27
N ALA D 277 -28.36 33.58 19.84
CA ALA D 277 -29.02 32.65 20.78
C ALA D 277 -28.07 32.18 21.89
N ASP D 278 -26.84 31.83 21.51
CA ASP D 278 -25.79 31.49 22.45
C ASP D 278 -25.49 32.67 23.37
N MET D 279 -25.59 33.89 22.82
CA MET D 279 -25.32 35.09 23.60
C MET D 279 -26.43 35.37 24.62
N HIS D 280 -27.69 35.17 24.23
CA HIS D 280 -28.81 35.33 25.18
C HIS D 280 -28.82 34.23 26.26
N GLU D 281 -28.10 33.15 25.99
CA GLU D 281 -28.02 32.00 26.86
C GLU D 281 -26.97 32.28 27.95
N LYS D 282 -25.86 32.86 27.54
CA LYS D 282 -24.81 33.22 28.48
C LYS D 282 -25.03 34.62 29.09
N ARG D 283 -26.27 35.08 29.09
CA ARG D 283 -26.61 36.41 29.58
C ARG D 283 -25.68 37.47 28.97
N LEU D 284 -25.65 37.52 27.64
CA LEU D 284 -24.74 38.41 26.89
C LEU D 284 -25.50 39.26 25.83
N GLN D 285 -26.76 39.58 26.10
CA GLN D 285 -27.60 40.33 25.16
C GLN D 285 -27.03 41.72 24.95
N ASN D 286 -26.50 42.27 26.04
CA ASN D 286 -25.99 43.61 26.09
C ASN D 286 -24.48 43.70 25.75
N SER D 287 -24.00 42.71 25.00
CA SER D 287 -22.61 42.65 24.57
C SER D 287 -22.43 43.10 23.11
N VAL D 288 -21.21 43.52 22.82
CA VAL D 288 -20.83 43.92 21.49
C VAL D 288 -21.19 42.80 20.52
N ASN D 289 -22.16 43.08 19.65
CA ASN D 289 -22.47 42.20 18.54
C ASN D 289 -21.16 41.91 17.83
N PRO D 290 -20.68 40.66 17.86
CA PRO D 290 -19.34 40.36 17.34
C PRO D 290 -19.19 40.68 15.86
N PHE D 291 -20.26 40.48 15.09
CA PHE D 291 -20.19 40.53 13.63
C PHE D 291 -19.86 41.90 13.06
N VAL D 292 -20.13 42.97 13.81
CA VAL D 292 -19.68 44.32 13.41
C VAL D 292 -18.18 44.38 13.20
N VAL D 293 -17.42 43.66 14.02
CA VAL D 293 -15.96 43.71 13.96
C VAL D 293 -15.39 42.63 13.01
N LEU D 294 -16.06 41.49 12.95
CA LEU D 294 -15.72 40.43 11.99
C LEU D 294 -16.00 40.80 10.53
N LYS D 295 -16.67 41.91 10.28
CA LYS D 295 -16.91 42.38 8.91
C LYS D 295 -16.54 43.85 8.80
#